data_6P72
#
_entry.id   6P72
#
_cell.length_a   211.675
_cell.length_b   211.675
_cell.length_c   113.194
_cell.angle_alpha   90.000
_cell.angle_beta   90.000
_cell.angle_gamma   120.000
#
_symmetry.space_group_name_H-M   'P 65'
#
loop_
_entity.id
_entity.type
_entity.pdbx_description
1 polymer 'Attachment glycoprotein'
2 branched 2-acetamido-2-deoxy-beta-D-glucopyranose-(1-4)-2-acetamido-2-deoxy-beta-D-glucopyranose
3 branched alpha-D-mannopyranose-(1-3)-beta-D-mannopyranose-(1-4)-2-acetamido-2-deoxy-beta-D-glucopyranose-(1-4)-2-acetamido-2-deoxy-beta-D-glucopyranose
4 branched alpha-D-mannopyranose-(1-3)-[alpha-D-mannopyranose-(1-6)]beta-D-mannopyranose-(1-4)-2-acetamido-2-deoxy-beta-D-glucopyranose-(1-4)-2-acetamido-2-deoxy-beta-D-glucopyranose
5 non-polymer 2-acetamido-2-deoxy-beta-D-glucopyranose
#
_entity_poly.entity_id   1
_entity_poly.type   'polypeptide(L)'
_entity_poly.pdbx_seq_one_letter_code
;AMYSTNAYAELAGPPKIFCKSVSKDPDFRLKQIDYVIPVQQDRSICMNNPLLDISDGFFTYIHYEGINSCKKSDSFKVLL
SHGEIVDRGDYRPSLYLLSSHYHPYSMQVINCVPVTCNQSSFVFCHISNNTKTLDNSDYSSDEYYITYFNGIDRPKTKKI
PINNMTADNRYIHFTFSGGGGVCLGEEFIIPVTTVINTDVFTHDYCESFNCSVQTGKSLKEICSESLRSPTNSSRYNLNG
IMIISQNNMTDFKIQLNGITYNKLSFGSPGRLSKTLGQVLYYQSSMSWDTYLKAGFVEKWKPFTPNWMNNTVISRPNQGN
CPRYHKCPEICYGGTYNDIAPLDLGKDMYVSVILDSDQLAENPEITVFNSTTILYKERVSKDELNTRSTTTSCFLFLDEP
WCISVLETNRFNGKSIRPEIYSYKIPKYC
;
_entity_poly.pdbx_strand_id   A,C
#
loop_
_chem_comp.id
_chem_comp.type
_chem_comp.name
_chem_comp.formula
BMA D-saccharide, beta linking beta-D-mannopyranose 'C6 H12 O6'
MAN D-saccharide, alpha linking alpha-D-mannopyranose 'C6 H12 O6'
NAG D-saccharide, beta linking 2-acetamido-2-deoxy-beta-D-glucopyranose 'C8 H15 N O6'
#
# COMPACT_ATOMS: atom_id res chain seq x y z
N SER A 4 6.66 5.73 -7.77
CA SER A 4 7.82 6.61 -7.83
C SER A 4 7.81 7.53 -6.60
N THR A 5 7.48 6.94 -5.45
CA THR A 5 7.41 7.66 -4.19
C THR A 5 8.78 8.14 -3.68
N ASN A 6 8.75 9.11 -2.76
CA ASN A 6 9.96 9.59 -2.09
C ASN A 6 10.66 8.47 -1.33
N ALA A 7 9.92 7.42 -1.01
CA ALA A 7 10.48 6.28 -0.30
C ALA A 7 11.30 5.40 -1.25
N TYR A 8 10.79 5.20 -2.47
CA TYR A 8 11.48 4.37 -3.45
C TYR A 8 12.57 5.16 -4.13
N ALA A 9 13.78 4.60 -4.16
CA ALA A 9 14.87 5.13 -4.97
C ALA A 9 15.68 3.96 -5.48
N GLU A 10 16.22 4.08 -6.70
CA GLU A 10 17.00 2.99 -7.26
C GLU A 10 18.20 2.71 -6.34
N LEU A 11 18.58 1.45 -6.22
CA LEU A 11 19.66 1.16 -5.30
C LEU A 11 20.93 1.59 -6.00
N ALA A 12 21.52 2.66 -5.47
CA ALA A 12 22.58 3.35 -6.16
C ALA A 12 23.21 4.37 -5.25
N GLY A 13 24.19 5.09 -5.78
CA GLY A 13 24.89 6.12 -5.02
C GLY A 13 25.88 5.47 -4.06
N PRO A 14 26.21 6.21 -2.98
CA PRO A 14 27.10 5.71 -1.93
C PRO A 14 26.48 4.49 -1.23
N PRO A 15 27.32 3.55 -0.77
CA PRO A 15 26.77 2.37 -0.11
C PRO A 15 26.02 2.74 1.16
N LYS A 16 25.02 1.94 1.53
CA LYS A 16 24.30 2.19 2.77
C LYS A 16 24.87 1.30 3.85
N ILE A 17 24.35 1.41 5.07
CA ILE A 17 24.84 0.58 6.16
C ILE A 17 23.98 -0.66 6.30
N PHE A 18 24.57 -1.81 6.03
CA PHE A 18 23.89 -3.09 6.22
C PHE A 18 24.95 -4.19 6.24
N CYS A 19 24.52 -5.44 6.42
CA CYS A 19 25.49 -6.48 6.69
C CYS A 19 26.24 -6.97 5.48
N LYS A 20 27.55 -6.71 5.44
CA LYS A 20 28.40 -7.27 4.41
C LYS A 20 29.42 -8.19 5.07
N SER A 21 29.04 -9.45 5.28
CA SER A 21 29.86 -10.46 5.95
C SER A 21 29.05 -11.73 6.21
N VAL A 22 29.67 -12.74 6.80
CA VAL A 22 28.90 -13.91 7.20
C VAL A 22 27.94 -13.49 8.31
N SER A 23 26.78 -14.14 8.37
CA SER A 23 25.83 -13.91 9.45
C SER A 23 25.05 -15.18 9.65
N LYS A 24 24.71 -15.50 10.89
CA LYS A 24 23.95 -16.71 11.17
C LYS A 24 22.54 -16.31 11.52
N ASP A 25 21.57 -17.00 10.92
CA ASP A 25 20.14 -16.75 11.17
C ASP A 25 19.81 -15.26 11.17
N PRO A 26 19.83 -14.61 10.00
CA PRO A 26 19.59 -13.17 10.03
C PRO A 26 18.11 -12.89 9.88
N ASP A 27 17.75 -11.61 10.01
CA ASP A 27 16.35 -11.21 9.98
C ASP A 27 16.05 -10.49 8.70
N PHE A 28 15.35 -11.17 7.80
CA PHE A 28 15.06 -10.59 6.50
C PHE A 28 13.77 -9.81 6.55
N ARG A 29 13.04 -9.95 7.67
CA ARG A 29 11.74 -9.32 7.82
C ARG A 29 10.85 -9.82 6.70
N LEU A 30 10.92 -11.12 6.43
CA LEU A 30 10.33 -11.74 5.25
C LEU A 30 8.81 -11.78 5.32
N LYS A 31 8.13 -11.24 4.31
CA LYS A 31 6.68 -11.26 4.28
C LYS A 31 6.11 -11.53 2.88
N GLN A 32 5.05 -12.34 2.80
CA GLN A 32 4.39 -12.62 1.53
C GLN A 32 3.44 -11.46 1.12
N ILE A 33 3.24 -11.29 -0.19
CA ILE A 33 2.34 -10.30 -0.77
C ILE A 33 1.24 -10.97 -1.55
N ASP A 34 0.04 -10.95 -0.97
CA ASP A 34 -1.00 -11.82 -1.46
C ASP A 34 -2.08 -11.20 -2.32
N TYR A 35 -2.09 -9.90 -2.43
CA TYR A 35 -3.22 -9.24 -3.07
C TYR A 35 -2.94 -8.88 -4.52
N VAL A 36 -1.71 -9.14 -4.99
CA VAL A 36 -1.30 -8.76 -6.34
C VAL A 36 -1.70 -9.78 -7.40
N ILE A 37 -1.27 -11.01 -7.18
CA ILE A 37 -1.50 -12.05 -8.16
C ILE A 37 -2.91 -12.61 -8.05
N PRO A 38 -3.68 -12.56 -9.16
CA PRO A 38 -5.07 -13.01 -9.30
C PRO A 38 -5.26 -14.40 -8.79
N VAL A 39 -6.46 -14.72 -8.36
CA VAL A 39 -6.70 -16.05 -7.82
C VAL A 39 -7.65 -16.87 -8.74
N GLN A 40 -7.38 -18.16 -8.90
CA GLN A 40 -8.22 -19.02 -9.73
C GLN A 40 -8.76 -20.22 -8.97
N GLN A 41 -10.08 -20.41 -9.06
CA GLN A 41 -10.73 -21.48 -8.32
C GLN A 41 -10.59 -22.79 -9.06
N ASP A 42 -10.45 -22.70 -10.37
CA ASP A 42 -10.32 -23.90 -11.17
C ASP A 42 -8.93 -24.47 -10.97
N ARG A 43 -8.84 -25.66 -10.40
CA ARG A 43 -7.53 -26.18 -10.06
C ARG A 43 -6.82 -26.75 -11.29
N SER A 44 -7.52 -26.79 -12.43
CA SER A 44 -6.92 -27.28 -13.68
C SER A 44 -6.00 -26.19 -14.27
N ILE A 45 -6.36 -24.93 -14.07
CA ILE A 45 -5.51 -23.84 -14.51
C ILE A 45 -4.19 -23.83 -13.77
N CYS A 46 -3.12 -23.58 -14.50
CA CYS A 46 -1.78 -23.49 -13.93
C CYS A 46 -1.17 -22.14 -14.27
N MET A 47 -0.88 -21.37 -13.23
CA MET A 47 -0.28 -20.07 -13.39
C MET A 47 1.21 -20.23 -13.18
N ASN A 48 1.94 -20.04 -14.26
CA ASN A 48 3.34 -20.39 -14.34
C ASN A 48 4.22 -19.29 -14.89
N ASN A 49 5.52 -19.48 -14.71
CA ASN A 49 6.56 -18.63 -15.25
C ASN A 49 6.33 -17.19 -14.93
N PRO A 50 6.31 -16.86 -13.65
CA PRO A 50 6.10 -15.46 -13.34
C PRO A 50 7.32 -14.66 -13.75
N LEU A 51 7.12 -13.45 -14.23
CA LEU A 51 8.17 -12.51 -14.63
C LEU A 51 7.93 -11.17 -13.93
N LEU A 52 8.94 -10.57 -13.32
CA LEU A 52 8.71 -9.27 -12.69
C LEU A 52 9.87 -8.33 -12.92
N ASP A 53 9.58 -7.17 -13.51
CA ASP A 53 10.62 -6.16 -13.70
C ASP A 53 10.26 -4.88 -12.97
N ILE A 54 11.20 -4.34 -12.20
CA ILE A 54 10.96 -3.14 -11.39
C ILE A 54 11.93 -1.98 -11.70
N SER A 55 11.43 -0.85 -12.16
CA SER A 55 12.28 0.32 -12.39
C SER A 55 11.57 1.62 -12.03
N ASP A 56 12.26 2.48 -11.27
CA ASP A 56 11.78 3.81 -10.91
C ASP A 56 10.43 3.81 -10.20
N GLY A 57 10.22 2.83 -9.34
CA GLY A 57 9.04 2.84 -8.51
C GLY A 57 7.86 2.08 -9.07
N PHE A 58 7.95 1.71 -10.35
CA PHE A 58 6.86 0.98 -10.97
C PHE A 58 7.29 -0.44 -11.34
N PHE A 59 6.31 -1.34 -11.43
CA PHE A 59 6.63 -2.70 -11.81
C PHE A 59 5.74 -3.21 -12.93
N THR A 60 6.32 -4.09 -13.75
CA THR A 60 5.54 -4.89 -14.68
C THR A 60 5.59 -6.34 -14.24
N TYR A 61 4.43 -6.96 -14.13
CA TYR A 61 4.31 -8.35 -13.74
C TYR A 61 3.68 -9.12 -14.90
N ILE A 62 4.19 -10.31 -15.18
CA ILE A 62 3.67 -11.11 -16.27
C ILE A 62 3.58 -12.52 -15.75
N HIS A 63 2.50 -13.24 -16.08
CA HIS A 63 2.53 -14.67 -15.81
C HIS A 63 1.68 -15.40 -16.82
N TYR A 64 1.90 -16.70 -16.96
CA TYR A 64 1.21 -17.45 -18.00
C TYR A 64 0.19 -18.37 -17.36
N GLU A 65 -0.99 -18.47 -17.97
CA GLU A 65 -2.03 -19.35 -17.44
C GLU A 65 -2.48 -20.36 -18.44
N GLY A 66 -2.34 -21.64 -18.09
CA GLY A 66 -2.73 -22.65 -19.05
C GLY A 66 -3.29 -23.90 -18.42
N ILE A 67 -4.08 -24.61 -19.20
CA ILE A 67 -4.91 -25.67 -18.63
C ILE A 67 -4.19 -27.02 -18.59
N ASN A 68 -3.96 -27.54 -17.39
CA ASN A 68 -3.33 -28.84 -17.19
C ASN A 68 -1.98 -28.91 -17.86
N SER A 69 -1.35 -27.76 -18.02
CA SER A 69 0.01 -27.63 -18.54
C SER A 69 0.70 -26.45 -17.87
N CYS A 70 1.96 -26.60 -17.48
CA CYS A 70 2.68 -25.47 -16.92
C CYS A 70 3.62 -24.74 -17.91
N LYS A 71 3.54 -25.13 -19.18
CA LYS A 71 4.34 -24.56 -20.27
C LYS A 71 3.81 -23.26 -20.86
N LYS A 72 4.67 -22.29 -21.17
CA LYS A 72 4.17 -20.98 -21.64
C LYS A 72 3.44 -21.03 -22.97
N SER A 73 3.77 -21.96 -23.84
CA SER A 73 3.20 -21.98 -25.19
C SER A 73 1.80 -22.57 -25.12
N ASP A 74 1.55 -23.27 -24.00
CA ASP A 74 0.27 -23.89 -23.75
C ASP A 74 -0.70 -22.99 -23.00
N SER A 75 -0.27 -21.77 -22.75
CA SER A 75 -1.07 -20.88 -21.95
C SER A 75 -2.22 -20.37 -22.80
N PHE A 76 -3.44 -20.45 -22.24
CA PHE A 76 -4.64 -19.99 -22.91
C PHE A 76 -4.94 -18.56 -22.53
N LYS A 77 -4.26 -18.07 -21.49
CA LYS A 77 -4.35 -16.66 -21.16
C LYS A 77 -3.00 -16.20 -20.65
N VAL A 78 -2.47 -15.06 -21.07
CA VAL A 78 -1.24 -14.61 -20.43
C VAL A 78 -1.51 -13.22 -19.87
N LEU A 79 -1.14 -13.10 -18.60
CA LEU A 79 -1.49 -11.98 -17.77
C LEU A 79 -0.43 -10.91 -17.72
N LEU A 80 -0.88 -9.68 -17.93
CA LEU A 80 -0.01 -8.51 -17.89
C LEU A 80 -0.47 -7.50 -16.82
N SER A 81 0.29 -7.31 -15.75
CA SER A 81 -0.09 -6.36 -14.72
C SER A 81 0.89 -5.22 -14.60
N HIS A 82 0.37 -4.02 -14.34
CA HIS A 82 1.18 -2.85 -14.10
C HIS A 82 0.88 -2.28 -12.73
N GLY A 83 1.93 -1.90 -12.00
CA GLY A 83 1.72 -1.38 -10.67
C GLY A 83 2.83 -0.48 -10.16
N GLU A 84 2.73 -0.12 -8.89
CA GLU A 84 3.68 0.80 -8.30
C GLU A 84 4.10 0.35 -6.91
N ILE A 85 5.27 0.83 -6.47
CA ILE A 85 5.78 0.54 -5.14
C ILE A 85 5.57 1.79 -4.26
N VAL A 86 4.86 1.60 -3.15
CA VAL A 86 4.34 2.69 -2.33
C VAL A 86 4.54 2.51 -0.83
N ASP A 87 4.51 3.64 -0.10
CA ASP A 87 4.61 3.64 1.36
C ASP A 87 3.19 3.55 1.95
N ARG A 88 2.87 2.43 2.57
CA ARG A 88 1.55 2.31 3.16
C ARG A 88 1.67 2.61 4.64
N GLY A 89 2.91 2.85 5.07
CA GLY A 89 3.14 3.24 6.43
C GLY A 89 3.42 2.14 7.43
N ASP A 90 3.61 0.91 6.98
CA ASP A 90 3.93 -0.21 7.87
C ASP A 90 5.43 -0.44 7.98
N TYR A 91 6.21 0.52 7.45
CA TYR A 91 7.69 0.56 7.50
C TYR A 91 8.36 -0.38 6.48
N ARG A 92 7.56 -0.93 5.57
CA ARG A 92 8.05 -1.75 4.48
C ARG A 92 7.43 -1.34 3.13
N PRO A 93 8.07 -1.70 1.99
CA PRO A 93 7.46 -1.41 0.69
C PRO A 93 6.30 -2.37 0.35
N SER A 94 5.27 -1.82 -0.27
CA SER A 94 4.02 -2.52 -0.58
C SER A 94 3.81 -2.43 -2.08
N LEU A 95 3.19 -3.45 -2.67
CA LEU A 95 2.93 -3.38 -4.11
C LEU A 95 1.52 -2.93 -4.38
N TYR A 96 1.35 -1.86 -5.13
CA TYR A 96 0.01 -1.33 -5.39
C TYR A 96 -0.30 -1.55 -6.85
N LEU A 97 -1.37 -2.31 -7.13
CA LEU A 97 -1.68 -2.74 -8.49
C LEU A 97 -2.64 -1.81 -9.23
N LEU A 98 -2.09 -1.07 -10.19
CA LEU A 98 -2.85 -0.05 -10.89
C LEU A 98 -3.74 -0.65 -11.98
N SER A 99 -3.16 -1.44 -12.88
CA SER A 99 -3.97 -2.05 -13.92
C SER A 99 -3.47 -3.43 -14.31
N SER A 100 -4.33 -4.14 -15.03
CA SER A 100 -4.07 -5.50 -15.37
C SER A 100 -4.81 -5.85 -16.67
N HIS A 101 -4.24 -6.65 -17.55
CA HIS A 101 -4.87 -6.97 -18.82
C HIS A 101 -4.49 -8.36 -19.29
N TYR A 102 -5.10 -8.81 -20.37
CA TYR A 102 -4.69 -10.10 -20.92
C TYR A 102 -4.17 -9.88 -22.31
N HIS A 103 -3.17 -10.66 -22.67
CA HIS A 103 -2.53 -10.45 -23.96
C HIS A 103 -3.52 -10.79 -25.06
N PRO A 104 -3.73 -9.86 -26.01
CA PRO A 104 -4.68 -10.03 -27.10
C PRO A 104 -4.50 -11.34 -27.83
N TYR A 105 -3.24 -11.72 -27.95
CA TYR A 105 -2.80 -12.92 -28.64
C TYR A 105 -2.51 -14.12 -27.72
N SER A 106 -2.96 -14.09 -26.47
CA SER A 106 -2.51 -15.06 -25.47
C SER A 106 -2.43 -16.50 -25.95
N MET A 107 -3.41 -16.92 -26.73
CA MET A 107 -3.43 -18.30 -27.15
C MET A 107 -2.30 -18.62 -28.12
N GLN A 108 -1.90 -17.64 -28.92
CA GLN A 108 -0.80 -17.79 -29.88
C GLN A 108 0.56 -17.28 -29.34
N VAL A 109 0.63 -16.97 -28.05
CA VAL A 109 1.87 -16.46 -27.41
C VAL A 109 2.83 -17.61 -27.17
N ILE A 110 4.04 -17.44 -27.72
CA ILE A 110 5.19 -18.35 -27.50
C ILE A 110 5.98 -17.92 -26.27
N ASN A 111 6.43 -16.66 -26.23
CA ASN A 111 7.23 -16.17 -25.09
C ASN A 111 7.16 -14.66 -24.90
N CYS A 112 7.37 -14.17 -23.68
CA CYS A 112 7.29 -12.73 -23.36
C CYS A 112 8.41 -12.27 -22.46
N VAL A 113 8.78 -11.00 -22.58
CA VAL A 113 9.68 -10.39 -21.61
C VAL A 113 9.18 -8.99 -21.26
N PRO A 114 9.12 -8.68 -19.95
CA PRO A 114 8.69 -7.37 -19.48
C PRO A 114 9.81 -6.37 -19.46
N VAL A 115 9.49 -5.09 -19.65
CA VAL A 115 10.40 -4.05 -19.21
C VAL A 115 9.57 -2.84 -18.76
N THR A 116 9.95 -2.29 -17.61
CA THR A 116 9.28 -1.14 -17.05
C THR A 116 10.08 0.10 -17.41
N CYS A 117 9.43 1.04 -18.11
CA CYS A 117 10.14 2.20 -18.65
C CYS A 117 9.32 3.44 -18.49
N ASN A 118 9.94 4.51 -17.98
CA ASN A 118 9.24 5.77 -17.78
C ASN A 118 7.88 5.54 -17.13
N GLN A 119 7.88 4.81 -16.03
CA GLN A 119 6.67 4.61 -15.25
C GLN A 119 5.50 3.98 -16.04
N SER A 120 5.82 3.21 -17.07
CA SER A 120 4.80 2.48 -17.82
C SER A 120 5.29 1.05 -18.13
N SER A 121 4.35 0.14 -18.31
CA SER A 121 4.65 -1.27 -18.58
C SER A 121 4.79 -1.55 -20.06
N PHE A 122 5.84 -2.31 -20.39
CA PHE A 122 6.06 -2.76 -21.75
C PHE A 122 6.25 -4.28 -21.77
N VAL A 123 5.66 -4.94 -22.74
CA VAL A 123 5.73 -6.38 -22.82
C VAL A 123 6.11 -6.77 -24.25
N PHE A 124 7.26 -7.43 -24.42
CA PHE A 124 7.77 -7.82 -25.72
C PHE A 124 7.48 -9.29 -25.97
N CYS A 125 6.73 -9.58 -27.04
CA CYS A 125 6.22 -10.94 -27.24
C CYS A 125 6.57 -11.54 -28.58
N HIS A 126 6.86 -12.82 -28.55
CA HIS A 126 7.03 -13.62 -29.73
C HIS A 126 5.82 -14.51 -29.77
N ILE A 127 5.00 -14.33 -30.82
CA ILE A 127 3.73 -15.06 -30.92
C ILE A 127 3.65 -15.77 -32.29
N SER A 128 3.19 -17.02 -32.24
CA SER A 128 3.22 -17.97 -33.36
C SER A 128 2.10 -19.00 -33.38
N ASN A 129 1.69 -19.39 -34.58
CA ASN A 129 0.72 -20.48 -34.73
C ASN A 129 1.36 -21.87 -34.56
N ASN A 130 2.68 -21.93 -34.64
CA ASN A 130 3.44 -23.17 -34.45
C ASN A 130 4.09 -23.20 -33.06
N THR A 131 3.75 -24.19 -32.25
CA THR A 131 4.28 -24.29 -30.89
C THR A 131 5.72 -24.77 -30.93
N LYS A 132 6.04 -25.46 -32.02
CA LYS A 132 7.35 -26.04 -32.29
C LYS A 132 8.20 -25.10 -33.13
N THR A 133 7.73 -23.87 -33.30
CA THR A 133 8.30 -22.91 -34.25
C THR A 133 9.84 -22.70 -34.19
N LEU A 134 10.45 -22.88 -33.03
CA LEU A 134 11.89 -22.63 -32.88
C LEU A 134 12.71 -23.85 -33.38
N ASP A 135 12.00 -24.87 -33.86
CA ASP A 135 12.54 -26.08 -34.49
C ASP A 135 12.12 -26.21 -35.96
N ASN A 136 10.81 -26.24 -36.19
CA ASN A 136 10.19 -26.37 -37.49
C ASN A 136 10.23 -25.15 -38.36
N SER A 137 10.69 -24.02 -37.87
CA SER A 137 10.45 -22.81 -38.65
C SER A 137 11.45 -21.70 -38.45
N ASP A 138 11.11 -20.53 -38.96
CA ASP A 138 11.96 -19.35 -38.91
C ASP A 138 11.16 -18.12 -38.48
N TYR A 139 11.84 -17.01 -38.19
CA TYR A 139 11.17 -15.85 -37.60
C TYR A 139 10.42 -15.00 -38.60
N SER A 140 10.47 -15.39 -39.86
CA SER A 140 9.72 -14.68 -40.89
C SER A 140 8.26 -15.14 -40.85
N SER A 141 8.04 -16.37 -40.39
CA SER A 141 6.69 -16.92 -40.33
C SER A 141 5.96 -16.58 -39.01
N ASP A 142 6.70 -16.13 -38.00
CA ASP A 142 6.10 -15.76 -36.72
C ASP A 142 5.97 -14.26 -36.64
N GLU A 143 5.45 -13.76 -35.50
CA GLU A 143 5.25 -12.32 -35.32
C GLU A 143 5.74 -11.83 -33.98
N TYR A 144 6.10 -10.54 -33.92
CA TYR A 144 6.68 -9.95 -32.70
C TYR A 144 6.04 -8.63 -32.28
N TYR A 145 5.55 -8.56 -31.05
CA TYR A 145 4.76 -7.42 -30.65
C TYR A 145 5.23 -6.67 -29.41
N ILE A 146 4.79 -5.43 -29.28
CA ILE A 146 5.00 -4.66 -28.06
C ILE A 146 3.67 -4.22 -27.47
N THR A 147 3.32 -4.75 -26.32
CA THR A 147 2.10 -4.30 -25.65
C THR A 147 2.47 -3.39 -24.51
N TYR A 148 1.94 -2.17 -24.49
CA TYR A 148 2.27 -1.26 -23.40
C TYR A 148 1.06 -0.53 -22.80
N PHE A 149 1.12 -0.31 -21.49
CA PHE A 149 0.09 0.43 -20.77
C PHE A 149 0.63 1.02 -19.45
N ASN A 150 0.05 2.13 -18.99
CA ASN A 150 0.39 2.70 -17.69
C ASN A 150 -0.63 2.65 -16.54
N GLY A 151 -1.78 2.04 -16.78
CA GLY A 151 -2.75 1.94 -15.70
C GLY A 151 -3.87 2.95 -15.64
N ILE A 152 -3.67 4.16 -16.16
CA ILE A 152 -4.82 5.02 -16.43
C ILE A 152 -5.32 4.58 -17.81
N ASP A 153 -4.35 4.33 -18.72
CA ASP A 153 -4.60 4.11 -20.14
C ASP A 153 -5.19 2.79 -20.58
N ARG A 154 -5.50 2.76 -21.87
CA ARG A 154 -5.97 1.58 -22.54
C ARG A 154 -4.74 0.86 -23.10
N PRO A 155 -4.66 -0.47 -22.91
CA PRO A 155 -3.41 -1.10 -23.33
C PRO A 155 -3.34 -1.05 -24.84
N LYS A 156 -2.19 -0.74 -25.39
CA LYS A 156 -2.09 -0.82 -26.85
C LYS A 156 -0.91 -1.70 -27.27
N THR A 157 -1.15 -2.59 -28.24
CA THR A 157 -0.08 -3.46 -28.73
C THR A 157 0.25 -3.18 -30.19
N LYS A 158 1.52 -2.97 -30.50
CA LYS A 158 1.95 -2.67 -31.87
C LYS A 158 2.95 -3.71 -32.36
N LYS A 159 2.79 -4.14 -33.61
CA LYS A 159 3.69 -5.11 -34.23
C LYS A 159 5.05 -4.51 -34.52
N ILE A 160 6.10 -5.25 -34.18
CA ILE A 160 7.46 -4.79 -34.40
C ILE A 160 7.87 -5.18 -35.79
N PRO A 161 8.36 -4.21 -36.58
CA PRO A 161 8.81 -4.38 -37.97
C PRO A 161 10.07 -5.24 -38.06
N ILE A 162 9.91 -6.53 -37.85
CA ILE A 162 11.06 -7.43 -37.83
C ILE A 162 11.71 -7.47 -39.20
N ASN A 163 10.92 -7.25 -40.24
CA ASN A 163 11.40 -7.26 -41.63
C ASN A 163 12.47 -6.21 -41.93
N ASN A 164 12.47 -5.12 -41.17
CA ASN A 164 13.49 -4.08 -41.28
C ASN A 164 14.63 -4.24 -40.28
N MET A 165 14.67 -5.36 -39.58
CA MET A 165 15.69 -5.54 -38.53
C MET A 165 17.05 -5.76 -39.17
N THR A 166 18.09 -5.32 -38.47
CA THR A 166 19.49 -5.60 -38.82
C THR A 166 20.01 -6.73 -37.93
N ALA A 167 20.83 -7.62 -38.45
CA ALA A 167 21.36 -8.68 -37.59
C ALA A 167 22.86 -8.70 -37.63
N ASP A 168 23.50 -9.20 -36.58
CA ASP A 168 24.96 -9.21 -36.57
C ASP A 168 25.46 -10.58 -37.04
N ASN A 169 24.52 -11.43 -37.42
CA ASN A 169 24.87 -12.73 -37.95
C ASN A 169 23.69 -13.27 -38.71
N ARG A 170 23.81 -14.45 -39.31
CA ARG A 170 22.69 -14.93 -40.10
C ARG A 170 21.89 -15.91 -39.27
N TYR A 171 20.78 -15.42 -38.73
CA TYR A 171 19.95 -16.19 -37.83
C TYR A 171 18.67 -16.56 -38.51
N ILE A 172 18.26 -17.83 -38.40
CA ILE A 172 16.96 -18.23 -38.92
C ILE A 172 15.84 -17.93 -37.92
N HIS A 173 16.13 -17.87 -36.62
CA HIS A 173 15.02 -17.65 -35.69
C HIS A 173 15.42 -16.88 -34.44
N PHE A 174 14.47 -16.26 -33.75
CA PHE A 174 14.76 -15.66 -32.45
C PHE A 174 13.50 -15.59 -31.62
N THR A 175 13.66 -15.57 -30.31
CA THR A 175 12.55 -15.41 -29.37
C THR A 175 12.97 -14.49 -28.21
N PHE A 176 12.01 -13.75 -27.64
CA PHE A 176 12.29 -13.00 -26.42
C PHE A 176 12.23 -13.99 -25.29
N SER A 177 13.34 -14.18 -24.60
CA SER A 177 13.35 -15.14 -23.53
C SER A 177 14.12 -14.62 -22.35
N GLY A 178 13.43 -14.43 -21.23
CA GLY A 178 14.10 -13.98 -20.04
C GLY A 178 13.17 -13.39 -19.01
N GLY A 179 13.75 -12.80 -17.98
CA GLY A 179 12.95 -12.27 -16.90
C GLY A 179 12.75 -10.77 -16.91
N GLY A 180 13.43 -10.08 -17.80
CA GLY A 180 13.29 -8.64 -17.87
C GLY A 180 14.28 -8.02 -18.84
N GLY A 181 14.04 -6.79 -19.23
CA GLY A 181 14.91 -6.08 -20.13
C GLY A 181 15.05 -4.67 -19.60
N VAL A 182 15.86 -3.85 -20.26
CA VAL A 182 16.01 -2.46 -19.82
C VAL A 182 15.64 -1.45 -20.88
N CYS A 183 15.41 -0.21 -20.45
CA CYS A 183 15.37 0.90 -21.41
C CYS A 183 16.46 1.86 -21.03
N LEU A 184 17.38 2.05 -21.97
CA LEU A 184 18.49 2.99 -21.83
C LEU A 184 18.28 4.09 -22.85
N GLY A 185 17.94 5.28 -22.37
CA GLY A 185 17.60 6.37 -23.25
C GLY A 185 16.33 6.09 -24.05
N GLU A 186 16.45 6.18 -25.38
CA GLU A 186 15.30 5.98 -26.24
C GLU A 186 15.16 4.56 -26.74
N GLU A 187 16.10 3.70 -26.35
CA GLU A 187 16.12 2.33 -26.87
C GLU A 187 15.85 1.26 -25.81
N PHE A 188 14.98 0.31 -26.13
CA PHE A 188 14.77 -0.90 -25.34
C PHE A 188 15.85 -1.97 -25.68
N ILE A 189 16.29 -2.73 -24.68
CA ILE A 189 17.17 -3.86 -24.94
C ILE A 189 16.59 -5.07 -24.22
N ILE A 190 16.35 -6.12 -24.99
CA ILE A 190 15.61 -7.27 -24.50
C ILE A 190 16.47 -8.50 -24.64
N PRO A 191 16.46 -9.39 -23.63
CA PRO A 191 17.15 -10.67 -23.69
C PRO A 191 16.54 -11.46 -24.75
N VAL A 192 17.36 -12.06 -25.58
CA VAL A 192 16.83 -12.82 -26.68
C VAL A 192 17.57 -14.13 -26.79
N THR A 193 16.95 -15.13 -27.40
CA THR A 193 17.66 -16.33 -27.78
C THR A 193 17.48 -16.48 -29.27
N THR A 194 18.57 -16.80 -29.98
CA THR A 194 18.61 -16.92 -31.43
C THR A 194 18.85 -18.37 -31.88
N VAL A 195 18.36 -18.69 -33.06
CA VAL A 195 18.57 -19.96 -33.73
C VAL A 195 19.29 -19.76 -35.08
N ILE A 196 20.38 -20.53 -35.26
CA ILE A 196 21.22 -20.55 -36.46
C ILE A 196 21.49 -22.04 -36.79
N ASN A 197 21.49 -22.41 -38.08
CA ASN A 197 21.52 -23.83 -38.46
C ASN A 197 22.91 -24.41 -38.77
N THR A 198 23.93 -23.56 -38.75
CA THR A 198 25.31 -23.99 -38.97
C THR A 198 26.14 -23.58 -37.76
N ASP A 199 27.22 -24.31 -37.47
CA ASP A 199 28.00 -24.01 -36.25
C ASP A 199 29.09 -22.97 -36.51
N VAL A 200 28.82 -21.75 -36.08
CA VAL A 200 29.70 -20.63 -36.31
C VAL A 200 30.53 -20.25 -35.08
N PHE A 201 30.40 -21.01 -33.99
CA PHE A 201 30.85 -20.59 -32.64
C PHE A 201 32.17 -21.21 -32.19
N THR A 202 32.95 -20.45 -31.41
CA THR A 202 34.29 -20.89 -30.99
C THR A 202 34.39 -21.11 -29.49
N HIS A 203 34.51 -22.34 -29.01
CA HIS A 203 34.49 -22.50 -27.56
C HIS A 203 35.86 -22.71 -26.92
N ASP A 204 36.45 -21.62 -26.44
CA ASP A 204 37.77 -21.69 -25.82
C ASP A 204 37.64 -22.16 -24.39
N TYR A 205 36.74 -21.47 -23.68
CA TYR A 205 36.49 -21.70 -22.26
C TYR A 205 36.17 -23.15 -22.05
N CYS A 206 35.20 -23.64 -22.82
CA CYS A 206 34.82 -25.01 -22.68
C CYS A 206 35.99 -25.95 -22.95
N GLU A 207 36.75 -25.66 -24.01
CA GLU A 207 37.87 -26.49 -24.43
C GLU A 207 39.07 -26.49 -23.45
N SER A 208 39.08 -25.55 -22.51
CA SER A 208 40.22 -25.47 -21.59
C SER A 208 40.01 -26.38 -20.37
N PHE A 209 38.93 -27.16 -20.37
CA PHE A 209 38.61 -27.97 -19.20
C PHE A 209 39.21 -29.37 -19.27
N ASN A 210 40.13 -29.69 -18.37
CA ASN A 210 40.65 -31.05 -18.33
C ASN A 210 40.04 -31.85 -17.20
N CYS A 211 39.15 -32.78 -17.55
CA CYS A 211 38.49 -33.60 -16.57
C CYS A 211 37.83 -34.76 -17.27
N SER A 212 37.12 -35.59 -16.52
CA SER A 212 36.53 -36.81 -17.06
C SER A 212 35.70 -36.46 -18.29
N VAL A 213 36.09 -37.03 -19.42
CA VAL A 213 35.36 -36.79 -20.66
C VAL A 213 35.18 -38.10 -21.40
N GLN A 214 33.92 -38.41 -21.70
CA GLN A 214 33.54 -39.70 -22.25
C GLN A 214 34.28 -40.04 -23.52
N THR A 215 34.46 -41.35 -23.73
CA THR A 215 35.13 -41.83 -24.91
C THR A 215 34.15 -41.87 -26.08
N GLY A 216 34.67 -41.62 -27.28
CA GLY A 216 33.83 -41.50 -28.45
C GLY A 216 33.73 -40.08 -28.98
N LYS A 217 34.14 -39.11 -28.17
CA LYS A 217 34.05 -37.72 -28.58
C LYS A 217 35.12 -36.83 -27.97
N SER A 218 35.61 -35.90 -28.77
CA SER A 218 36.63 -34.93 -28.37
C SER A 218 36.03 -33.76 -27.62
N LEU A 219 36.85 -33.08 -26.83
CA LEU A 219 36.38 -31.91 -26.13
C LEU A 219 35.81 -30.91 -27.13
N LYS A 220 36.54 -30.64 -28.21
CA LYS A 220 36.10 -29.71 -29.26
C LYS A 220 34.72 -30.14 -29.76
N GLU A 221 34.55 -31.45 -29.90
CA GLU A 221 33.30 -32.02 -30.39
C GLU A 221 32.16 -31.85 -29.40
N ILE A 222 32.32 -32.29 -28.16
CA ILE A 222 31.17 -32.17 -27.26
C ILE A 222 30.84 -30.71 -26.94
N CYS A 223 31.84 -29.85 -26.88
CA CYS A 223 31.59 -28.42 -26.72
C CYS A 223 30.84 -27.83 -27.92
N SER A 224 31.23 -28.23 -29.13
CA SER A 224 30.50 -27.71 -30.27
C SER A 224 29.10 -28.21 -30.27
N GLU A 225 28.93 -29.44 -29.81
CA GLU A 225 27.62 -30.07 -29.87
C GLU A 225 26.72 -29.67 -28.72
N SER A 226 27.29 -29.12 -27.65
CA SER A 226 26.52 -28.78 -26.45
C SER A 226 25.58 -27.58 -26.66
N LEU A 227 25.84 -26.83 -27.72
CA LEU A 227 25.04 -25.68 -28.12
C LEU A 227 23.90 -26.07 -29.09
N ARG A 228 23.73 -27.36 -29.37
CA ARG A 228 22.69 -27.78 -30.29
C ARG A 228 21.36 -27.91 -29.54
N SER A 229 20.27 -27.48 -30.16
CA SER A 229 18.92 -27.61 -29.56
C SER A 229 18.63 -29.07 -29.36
N PRO A 230 18.33 -29.45 -28.11
CA PRO A 230 18.12 -30.86 -27.79
C PRO A 230 16.89 -31.42 -28.46
N THR A 231 16.03 -30.54 -28.97
CA THR A 231 14.86 -30.95 -29.76
C THR A 231 15.24 -31.11 -31.24
N ASN A 232 15.79 -30.08 -31.87
CA ASN A 232 16.32 -30.22 -33.24
C ASN A 232 17.82 -30.02 -33.26
N SER A 233 18.54 -31.14 -33.45
CA SER A 233 19.99 -31.16 -33.33
C SER A 233 20.69 -30.45 -34.48
N SER A 234 19.95 -30.14 -35.54
CA SER A 234 20.54 -29.44 -36.68
C SER A 234 20.59 -27.93 -36.48
N ARG A 235 20.13 -27.48 -35.31
CA ARG A 235 20.06 -26.06 -34.97
C ARG A 235 20.82 -25.74 -33.70
N TYR A 236 21.42 -24.55 -33.68
CA TYR A 236 22.20 -24.07 -32.54
C TYR A 236 21.48 -22.87 -31.90
N ASN A 237 21.24 -22.93 -30.58
CA ASN A 237 20.61 -21.81 -29.87
C ASN A 237 21.64 -20.95 -29.11
N LEU A 238 21.77 -19.68 -29.51
CA LEU A 238 22.76 -18.76 -28.92
C LEU A 238 22.08 -17.51 -28.36
N ASN A 239 22.41 -17.12 -27.13
CA ASN A 239 21.79 -15.95 -26.49
C ASN A 239 22.23 -14.66 -27.17
N GLY A 240 21.41 -13.63 -27.09
CA GLY A 240 21.77 -12.35 -27.65
C GLY A 240 20.88 -11.25 -27.12
N ILE A 241 20.99 -10.06 -27.69
CA ILE A 241 20.10 -8.99 -27.28
C ILE A 241 19.41 -8.44 -28.51
N MET A 242 18.26 -7.82 -28.29
CA MET A 242 17.59 -7.08 -29.34
C MET A 242 17.47 -5.66 -28.89
N ILE A 243 17.92 -4.75 -29.73
CA ILE A 243 17.90 -3.34 -29.39
C ILE A 243 16.89 -2.66 -30.26
N ILE A 244 15.94 -1.97 -29.63
CA ILE A 244 14.87 -1.31 -30.35
C ILE A 244 14.87 0.17 -30.07
N SER A 245 15.23 0.99 -31.07
CA SER A 245 15.08 2.43 -30.99
C SER A 245 13.67 2.78 -31.40
N GLN A 246 13.07 3.70 -30.67
CA GLN A 246 11.68 4.01 -30.87
C GLN A 246 11.45 5.51 -30.67
N ASN A 247 10.71 6.11 -31.60
CA ASN A 247 10.35 7.52 -31.48
C ASN A 247 8.84 7.66 -31.34
N ASN A 248 8.40 8.06 -30.15
CA ASN A 248 6.99 8.16 -29.83
C ASN A 248 6.24 6.91 -30.27
N MET A 249 6.91 5.77 -30.15
CA MET A 249 6.34 4.49 -30.56
C MET A 249 5.91 4.47 -32.02
N THR A 250 6.69 5.13 -32.88
CA THR A 250 6.37 5.13 -34.31
C THR A 250 7.49 4.63 -35.21
N ASP A 251 8.52 5.46 -35.39
CA ASP A 251 9.63 5.05 -36.23
C ASP A 251 10.47 4.05 -35.45
N PHE A 252 10.66 2.86 -36.00
CA PHE A 252 11.39 1.81 -35.29
C PHE A 252 12.74 1.52 -35.91
N LYS A 253 13.75 1.32 -35.06
CA LYS A 253 15.03 0.81 -35.53
C LYS A 253 15.38 -0.44 -34.73
N ILE A 254 15.32 -1.60 -35.37
CA ILE A 254 15.56 -2.85 -34.68
C ILE A 254 16.90 -3.40 -35.09
N GLN A 255 17.71 -3.82 -34.12
CA GLN A 255 18.91 -4.56 -34.45
C GLN A 255 19.17 -5.69 -33.45
N LEU A 256 19.58 -6.83 -33.98
CA LEU A 256 19.68 -8.05 -33.20
C LEU A 256 21.13 -8.52 -33.16
N ASN A 257 21.75 -8.50 -31.99
CA ASN A 257 23.17 -8.85 -31.93
C ASN A 257 23.35 -10.08 -31.05
N GLY A 258 24.41 -10.83 -31.28
CA GLY A 258 24.63 -12.04 -30.51
C GLY A 258 25.53 -11.74 -29.33
N ILE A 259 25.50 -12.62 -28.33
CA ILE A 259 26.25 -12.38 -27.12
C ILE A 259 27.71 -12.67 -27.39
N THR A 260 28.60 -12.15 -26.55
CA THR A 260 30.02 -12.43 -26.73
C THR A 260 30.31 -13.93 -26.73
N TYR A 261 31.28 -14.32 -27.55
CA TYR A 261 31.64 -15.71 -27.71
C TYR A 261 32.52 -16.18 -26.56
N ASN A 262 32.95 -15.22 -25.74
CA ASN A 262 33.72 -15.55 -24.56
C ASN A 262 32.83 -16.28 -23.58
N LYS A 263 33.21 -17.50 -23.22
CA LYS A 263 32.39 -18.35 -22.35
C LYS A 263 30.91 -18.49 -22.77
N LEU A 264 30.66 -19.08 -23.94
CA LEU A 264 29.30 -19.38 -24.36
C LEU A 264 28.74 -20.52 -23.51
N SER A 265 27.43 -20.46 -23.32
CA SER A 265 26.64 -21.50 -22.69
C SER A 265 25.43 -21.61 -23.56
N PHE A 266 24.85 -22.80 -23.60
CA PHE A 266 23.67 -23.07 -24.40
C PHE A 266 22.59 -22.05 -24.12
N GLY A 267 22.01 -21.55 -25.20
CA GLY A 267 21.01 -20.49 -25.15
C GLY A 267 19.86 -20.82 -24.23
N SER A 268 19.53 -19.86 -23.35
CA SER A 268 18.56 -20.02 -22.25
C SER A 268 17.92 -18.69 -21.91
N PRO A 269 16.94 -18.69 -20.98
CA PRO A 269 16.38 -17.42 -20.52
C PRO A 269 17.33 -16.65 -19.63
N GLY A 270 17.38 -15.33 -19.75
CA GLY A 270 18.29 -14.55 -18.92
C GLY A 270 17.80 -13.12 -18.81
N ARG A 271 18.53 -12.21 -18.17
CA ARG A 271 17.98 -10.87 -18.18
C ARG A 271 18.96 -9.72 -18.03
N LEU A 272 18.55 -8.58 -18.57
CA LEU A 272 19.25 -7.35 -18.44
C LEU A 272 18.56 -6.53 -17.38
N SER A 273 19.32 -5.95 -16.46
CA SER A 273 18.74 -5.13 -15.41
C SER A 273 19.66 -3.97 -15.04
N LYS A 274 19.10 -2.80 -14.78
CA LYS A 274 19.89 -1.65 -14.31
C LYS A 274 20.08 -1.70 -12.79
N THR A 275 21.32 -1.79 -12.35
CA THR A 275 21.61 -1.86 -10.92
C THR A 275 22.92 -1.20 -10.60
N LEU A 276 22.96 -0.50 -9.48
CA LEU A 276 24.19 0.14 -9.01
C LEU A 276 24.87 1.02 -10.08
N GLY A 277 24.06 1.61 -10.96
CA GLY A 277 24.56 2.47 -12.02
C GLY A 277 25.25 1.73 -13.16
N GLN A 278 24.94 0.44 -13.27
CA GLN A 278 25.48 -0.41 -14.32
C GLN A 278 24.35 -1.17 -14.98
N VAL A 279 24.71 -2.06 -15.91
CA VAL A 279 23.74 -2.98 -16.48
C VAL A 279 24.25 -4.41 -16.27
N LEU A 280 23.44 -5.21 -15.60
CA LEU A 280 23.81 -6.58 -15.28
C LEU A 280 23.04 -7.56 -16.15
N TYR A 281 23.79 -8.47 -16.77
CA TYR A 281 23.21 -9.58 -17.52
C TYR A 281 23.30 -10.86 -16.72
N TYR A 282 22.21 -11.59 -16.69
CA TYR A 282 22.14 -12.89 -16.07
C TYR A 282 21.81 -13.90 -17.13
N GLN A 283 22.38 -15.07 -17.06
CA GLN A 283 21.91 -16.12 -17.94
C GLN A 283 21.71 -17.41 -17.22
N SER A 284 20.52 -17.97 -17.30
CA SER A 284 20.25 -19.20 -16.59
C SER A 284 21.21 -20.23 -17.10
N SER A 285 21.66 -21.15 -16.25
CA SER A 285 22.64 -22.12 -16.74
C SER A 285 21.93 -23.40 -17.06
N MET A 286 21.73 -23.64 -18.36
CA MET A 286 21.04 -24.84 -18.83
C MET A 286 21.94 -25.96 -19.39
N SER A 287 23.26 -25.79 -19.33
CA SER A 287 24.20 -26.75 -19.93
C SER A 287 25.19 -27.23 -18.87
N TRP A 288 26.25 -27.89 -19.32
CA TRP A 288 27.27 -28.48 -18.44
C TRP A 288 27.85 -27.52 -17.41
N ASP A 289 27.94 -26.22 -17.70
CA ASP A 289 28.48 -25.30 -16.72
C ASP A 289 27.33 -24.83 -15.87
N THR A 290 27.33 -25.34 -14.67
CA THR A 290 26.18 -25.27 -13.80
C THR A 290 26.28 -24.15 -12.76
N TYR A 291 27.38 -23.41 -12.77
CA TYR A 291 27.51 -22.33 -11.82
C TYR A 291 26.85 -21.05 -12.33
N LEU A 292 26.74 -20.04 -11.46
CA LEU A 292 26.09 -18.79 -11.83
C LEU A 292 26.77 -18.13 -13.01
N LYS A 293 25.99 -17.84 -14.04
CA LYS A 293 26.55 -17.14 -15.19
C LYS A 293 25.91 -15.78 -15.29
N ALA A 294 26.67 -14.74 -14.95
CA ALA A 294 26.16 -13.37 -15.02
C ALA A 294 27.34 -12.42 -15.00
N GLY A 295 27.12 -11.17 -15.39
CA GLY A 295 28.16 -10.15 -15.31
C GLY A 295 27.65 -8.79 -15.71
N PHE A 296 28.36 -7.73 -15.34
CA PHE A 296 27.96 -6.39 -15.78
C PHE A 296 28.38 -6.17 -17.24
N VAL A 297 27.69 -5.31 -17.96
CA VAL A 297 27.98 -5.16 -19.38
C VAL A 297 29.08 -4.10 -19.57
N GLU A 298 30.26 -4.54 -20.00
CA GLU A 298 31.37 -3.64 -20.34
C GLU A 298 31.33 -3.12 -21.79
N LYS A 299 30.82 -3.94 -22.70
CA LYS A 299 30.81 -3.62 -24.14
C LYS A 299 29.50 -4.05 -24.81
N TRP A 300 28.82 -3.13 -25.50
CA TRP A 300 27.52 -3.45 -26.15
C TRP A 300 27.59 -4.14 -27.55
N LYS A 301 28.53 -3.72 -28.40
CA LYS A 301 28.78 -4.46 -29.64
C LYS A 301 30.24 -4.93 -29.73
N PRO A 302 30.46 -6.26 -29.66
CA PRO A 302 29.47 -7.31 -29.44
C PRO A 302 28.92 -7.28 -28.01
N PHE A 303 27.78 -7.92 -27.75
CA PHE A 303 27.25 -7.85 -26.38
C PHE A 303 28.19 -8.65 -25.47
N THR A 304 28.83 -7.96 -24.53
CA THR A 304 29.92 -8.54 -23.71
C THR A 304 29.81 -8.24 -22.23
N PRO A 305 29.10 -9.10 -21.47
CA PRO A 305 29.13 -8.97 -20.01
C PRO A 305 30.43 -9.54 -19.45
N ASN A 306 31.01 -8.87 -18.45
CA ASN A 306 32.19 -9.36 -17.81
C ASN A 306 31.72 -10.46 -16.87
N TRP A 307 32.05 -11.70 -17.23
CA TRP A 307 31.46 -12.83 -16.56
C TRP A 307 32.05 -12.97 -15.18
N MET A 308 31.19 -13.18 -14.20
CA MET A 308 31.62 -13.38 -12.84
C MET A 308 32.20 -14.75 -12.72
N ASN A 309 33.27 -14.87 -11.93
CA ASN A 309 33.81 -16.18 -11.68
C ASN A 309 33.29 -16.57 -10.32
N ASN A 310 32.30 -17.46 -10.31
CA ASN A 310 31.54 -17.76 -9.11
C ASN A 310 31.61 -19.23 -8.78
N THR A 311 32.10 -19.52 -7.57
CA THR A 311 32.34 -20.90 -7.15
C THR A 311 31.28 -21.51 -6.21
N VAL A 312 30.23 -20.72 -5.88
CA VAL A 312 29.29 -21.05 -4.80
C VAL A 312 27.84 -21.23 -5.23
N ILE A 313 27.27 -20.21 -5.88
CA ILE A 313 25.89 -20.25 -6.33
C ILE A 313 25.68 -21.21 -7.50
N SER A 314 24.66 -22.06 -7.42
CA SER A 314 24.40 -23.00 -8.51
C SER A 314 22.89 -23.30 -8.63
N ARG A 315 22.54 -24.36 -9.36
CA ARG A 315 21.14 -24.70 -9.51
C ARG A 315 20.97 -26.21 -9.64
N PRO A 316 19.82 -26.74 -9.21
CA PRO A 316 19.52 -28.17 -9.36
C PRO A 316 19.08 -28.56 -10.76
N ASN A 317 19.49 -29.74 -11.21
CA ASN A 317 18.99 -30.37 -12.44
C ASN A 317 19.16 -31.90 -12.39
N GLN A 318 18.25 -32.62 -13.04
CA GLN A 318 18.38 -34.06 -13.17
C GLN A 318 19.08 -34.48 -14.46
N GLY A 319 19.96 -35.47 -14.36
CA GLY A 319 20.80 -35.81 -15.48
C GLY A 319 22.22 -35.60 -15.06
N ASN A 320 23.15 -35.59 -16.02
CA ASN A 320 24.58 -35.60 -15.70
C ASN A 320 25.09 -34.24 -15.29
N CYS A 321 24.22 -33.25 -15.33
CA CYS A 321 24.60 -31.95 -14.84
C CYS A 321 23.73 -31.52 -13.68
N PRO A 322 23.99 -32.11 -12.49
CA PRO A 322 23.29 -31.64 -11.31
C PRO A 322 24.01 -30.44 -10.77
N ARG A 323 23.58 -29.98 -9.60
CA ARG A 323 24.15 -28.81 -8.96
C ARG A 323 25.65 -28.97 -8.74
N TYR A 324 26.35 -27.85 -8.82
CA TYR A 324 27.76 -27.83 -8.52
C TYR A 324 28.67 -28.49 -9.57
N HIS A 325 28.09 -29.07 -10.63
CA HIS A 325 28.89 -29.77 -11.62
C HIS A 325 29.40 -28.87 -12.75
N LYS A 326 30.71 -28.65 -12.80
CA LYS A 326 31.34 -27.78 -13.80
C LYS A 326 32.07 -28.47 -15.00
N CYS A 327 32.01 -29.80 -15.14
CA CYS A 327 32.78 -30.43 -16.24
C CYS A 327 31.98 -30.57 -17.55
N PRO A 328 32.55 -30.16 -18.70
CA PRO A 328 31.86 -30.16 -20.01
C PRO A 328 31.17 -31.48 -20.29
N GLU A 329 30.03 -31.40 -20.94
CA GLU A 329 29.14 -32.55 -21.07
C GLU A 329 28.00 -32.07 -21.95
N ILE A 330 27.29 -32.99 -22.61
CA ILE A 330 26.11 -32.59 -23.39
C ILE A 330 24.88 -32.96 -22.58
N CYS A 331 24.28 -31.93 -22.01
CA CYS A 331 23.18 -32.07 -21.10
C CYS A 331 22.35 -30.82 -21.22
N TYR A 332 21.08 -30.96 -20.91
CA TYR A 332 20.16 -29.86 -20.98
C TYR A 332 19.29 -29.86 -19.74
N GLY A 333 19.26 -28.74 -19.05
CA GLY A 333 18.37 -28.63 -17.91
C GLY A 333 18.84 -27.62 -16.91
N GLY A 334 18.01 -27.41 -15.89
CA GLY A 334 18.26 -26.45 -14.84
C GLY A 334 17.19 -25.39 -14.77
N THR A 335 17.26 -24.57 -13.72
CA THR A 335 16.21 -23.61 -13.39
C THR A 335 16.70 -22.18 -13.49
N TYR A 336 15.78 -21.26 -13.72
CA TYR A 336 16.12 -19.85 -13.84
C TYR A 336 16.02 -19.18 -12.47
N ASN A 337 17.16 -18.80 -11.90
CA ASN A 337 17.10 -17.99 -10.70
C ASN A 337 17.98 -16.78 -10.85
N ASP A 338 17.40 -15.61 -11.10
CA ASP A 338 18.24 -14.47 -11.44
C ASP A 338 18.66 -13.73 -10.18
N ILE A 339 19.46 -12.69 -10.32
CA ILE A 339 20.11 -12.13 -9.14
C ILE A 339 20.01 -10.61 -9.09
N ALA A 340 20.28 -10.04 -7.93
CA ALA A 340 20.36 -8.59 -7.87
C ALA A 340 21.54 -8.14 -7.03
N PRO A 341 22.26 -7.11 -7.51
CA PRO A 341 23.43 -6.59 -6.80
C PRO A 341 23.04 -5.68 -5.63
N LEU A 342 23.82 -5.70 -4.54
CA LEU A 342 23.63 -4.78 -3.40
C LEU A 342 24.74 -3.76 -3.33
N ASP A 343 25.96 -4.25 -3.12
CA ASP A 343 27.13 -3.37 -3.07
C ASP A 343 28.18 -3.84 -4.06
N LEU A 344 28.72 -2.89 -4.83
CA LEU A 344 29.74 -3.19 -5.83
C LEU A 344 31.11 -3.48 -5.22
N GLY A 345 31.51 -2.59 -4.31
CA GLY A 345 32.81 -2.69 -3.67
C GLY A 345 33.03 -3.99 -2.92
N LYS A 346 31.99 -4.49 -2.29
CA LYS A 346 32.09 -5.73 -1.53
C LYS A 346 31.65 -6.91 -2.38
N ASP A 347 31.25 -6.60 -3.62
CA ASP A 347 30.89 -7.59 -4.63
C ASP A 347 29.88 -8.61 -4.10
N MET A 348 28.69 -8.12 -3.72
CA MET A 348 27.67 -9.02 -3.19
C MET A 348 26.33 -8.88 -3.87
N TYR A 349 25.63 -10.01 -3.89
CA TYR A 349 24.40 -10.20 -4.62
C TYR A 349 23.40 -11.01 -3.80
N VAL A 350 22.09 -10.81 -4.08
CA VAL A 350 20.96 -11.57 -3.50
C VAL A 350 20.29 -12.41 -4.55
N SER A 351 19.91 -13.64 -4.22
CA SER A 351 19.16 -14.46 -5.16
C SER A 351 18.29 -15.45 -4.39
N VAL A 352 17.11 -15.81 -4.91
CA VAL A 352 16.36 -16.88 -4.25
C VAL A 352 16.75 -18.11 -5.01
N ILE A 353 17.56 -18.98 -4.39
CA ILE A 353 18.14 -20.13 -5.11
C ILE A 353 17.60 -21.43 -4.55
N LEU A 354 17.59 -22.49 -5.35
CA LEU A 354 17.05 -23.74 -4.85
C LEU A 354 18.13 -24.55 -4.12
N ASP A 355 17.87 -24.91 -2.85
CA ASP A 355 18.84 -25.73 -2.13
C ASP A 355 18.44 -27.16 -2.34
N SER A 356 19.16 -27.82 -3.23
CA SER A 356 18.83 -29.15 -3.67
C SER A 356 19.79 -29.48 -4.78
N ASP A 357 19.92 -30.76 -5.09
CA ASP A 357 20.86 -31.16 -6.12
C ASP A 357 20.11 -31.52 -7.39
N GLN A 358 19.25 -32.53 -7.33
CA GLN A 358 18.50 -32.89 -8.51
C GLN A 358 17.09 -32.28 -8.62
N LEU A 359 16.56 -31.74 -7.54
CA LEU A 359 15.13 -31.42 -7.55
C LEU A 359 14.83 -29.94 -7.41
N ALA A 360 13.72 -29.51 -7.98
CA ALA A 360 13.39 -28.11 -7.87
C ALA A 360 12.53 -27.91 -6.68
N GLU A 361 13.13 -27.36 -5.63
CA GLU A 361 12.48 -27.21 -4.34
C GLU A 361 13.42 -26.54 -3.37
N ASN A 362 12.86 -26.18 -2.21
CA ASN A 362 13.57 -25.51 -1.13
C ASN A 362 14.18 -24.15 -1.48
N PRO A 363 13.34 -23.17 -1.85
CA PRO A 363 13.86 -21.82 -2.11
C PRO A 363 14.51 -21.26 -0.87
N GLU A 364 15.70 -20.72 -1.04
CA GLU A 364 16.46 -20.12 0.05
C GLU A 364 16.92 -18.71 -0.39
N ILE A 365 16.61 -17.71 0.42
CA ILE A 365 17.08 -16.37 0.13
C ILE A 365 18.56 -16.38 0.46
N THR A 366 19.41 -16.09 -0.51
CA THR A 366 20.86 -16.18 -0.33
C THR A 366 21.59 -14.89 -0.66
N VAL A 367 22.53 -14.52 0.22
CA VAL A 367 23.37 -13.35 0.02
C VAL A 367 24.82 -13.81 -0.01
N PHE A 368 25.50 -13.47 -1.12
CA PHE A 368 26.82 -14.00 -1.42
C PHE A 368 27.79 -13.00 -2.09
N ASN A 369 29.09 -13.22 -1.89
CA ASN A 369 30.16 -12.64 -2.73
C ASN A 369 30.48 -13.71 -3.75
N SER A 370 31.48 -13.49 -4.60
CA SER A 370 31.76 -14.48 -5.64
C SER A 370 32.36 -15.79 -5.11
N THR A 371 33.09 -15.71 -4.00
CA THR A 371 33.76 -16.83 -3.33
C THR A 371 32.91 -17.67 -2.35
N THR A 372 32.11 -17.01 -1.50
CA THR A 372 31.42 -17.68 -0.39
C THR A 372 29.98 -17.16 -0.14
N ILE A 373 29.18 -17.92 0.59
CA ILE A 373 27.83 -17.44 0.90
C ILE A 373 27.81 -16.74 2.23
N LEU A 374 27.48 -15.46 2.21
CA LEU A 374 27.51 -14.66 3.44
C LEU A 374 26.40 -15.11 4.40
N TYR A 375 25.15 -15.09 3.96
CA TYR A 375 24.05 -15.63 4.81
C TYR A 375 22.76 -16.02 4.08
N LYS A 376 21.93 -16.85 4.72
CA LYS A 376 20.77 -17.41 4.05
C LYS A 376 19.54 -17.57 4.95
N GLU A 377 18.34 -17.57 4.37
CA GLU A 377 17.17 -18.07 5.09
C GLU A 377 16.17 -18.79 4.20
N ARG A 378 15.75 -19.99 4.59
CA ARG A 378 14.73 -20.73 3.86
C ARG A 378 13.45 -19.95 3.86
N VAL A 379 12.77 -19.91 2.72
CA VAL A 379 11.56 -19.12 2.61
C VAL A 379 10.42 -19.73 3.40
N SER A 380 10.29 -21.05 3.30
CA SER A 380 9.26 -21.79 4.04
C SER A 380 9.91 -22.86 4.90
N LYS A 381 9.42 -23.02 6.13
CA LYS A 381 10.00 -24.00 7.05
C LYS A 381 9.61 -25.44 6.64
N ASP A 382 8.46 -25.57 6.00
CA ASP A 382 8.06 -26.82 5.35
C ASP A 382 8.71 -26.93 3.98
N GLU A 383 8.90 -28.16 3.51
CA GLU A 383 9.44 -28.40 2.17
C GLU A 383 8.55 -27.82 1.10
N LEU A 384 9.12 -26.96 0.26
CA LEU A 384 8.35 -26.17 -0.71
C LEU A 384 8.82 -26.38 -2.14
N ASN A 385 7.91 -26.78 -3.01
CA ASN A 385 8.24 -27.06 -4.40
C ASN A 385 8.30 -25.75 -5.22
N THR A 386 9.45 -25.47 -5.84
CA THR A 386 9.67 -24.21 -6.55
C THR A 386 10.64 -24.31 -7.73
N ARG A 387 10.30 -23.64 -8.84
CA ARG A 387 11.09 -23.70 -10.06
C ARG A 387 11.84 -22.40 -10.36
N SER A 388 11.18 -21.41 -10.96
CA SER A 388 11.87 -20.15 -11.34
C SER A 388 11.84 -19.15 -10.21
N THR A 389 12.87 -18.33 -10.06
CA THR A 389 12.76 -17.27 -9.07
C THR A 389 13.33 -15.98 -9.60
N THR A 390 12.58 -14.88 -9.58
CA THR A 390 13.19 -13.61 -9.98
C THR A 390 13.29 -12.66 -8.79
N THR A 391 14.31 -11.83 -8.75
CA THR A 391 14.56 -10.95 -7.61
C THR A 391 14.98 -9.54 -8.00
N SER A 392 14.38 -8.52 -7.43
CA SER A 392 14.78 -7.15 -7.75
C SER A 392 14.95 -6.37 -6.46
N CYS A 393 15.94 -5.49 -6.40
CA CYS A 393 16.16 -4.75 -5.15
C CYS A 393 16.15 -3.25 -5.35
N PHE A 394 16.00 -2.54 -4.24
CA PHE A 394 15.88 -1.09 -4.30
C PHE A 394 16.09 -0.45 -2.94
N LEU A 395 16.04 0.87 -2.92
CA LEU A 395 16.11 1.62 -1.67
C LEU A 395 14.72 2.06 -1.25
N PHE A 396 14.34 1.66 -0.04
CA PHE A 396 13.08 2.06 0.54
C PHE A 396 13.34 2.70 1.90
N LEU A 397 12.99 3.98 2.01
CA LEU A 397 13.27 4.75 3.21
C LEU A 397 14.75 4.60 3.52
N ASP A 398 15.56 4.75 2.47
CA ASP A 398 17.00 4.75 2.58
C ASP A 398 17.58 3.46 3.15
N GLU A 399 16.88 2.35 2.94
CA GLU A 399 17.46 1.05 3.27
C GLU A 399 17.16 0.00 2.19
N PRO A 400 18.12 -0.89 1.91
CA PRO A 400 17.94 -1.88 0.85
C PRO A 400 16.84 -2.91 1.18
N TRP A 401 15.94 -3.09 0.22
CA TRP A 401 14.78 -3.97 0.32
C TRP A 401 14.63 -4.70 -1.00
N CYS A 402 14.19 -5.94 -0.97
CA CYS A 402 14.03 -6.74 -2.19
C CYS A 402 12.64 -7.34 -2.32
N ILE A 403 12.20 -7.48 -3.57
CA ILE A 403 10.96 -8.17 -3.90
C ILE A 403 11.30 -9.34 -4.84
N SER A 404 10.85 -10.55 -4.48
CA SER A 404 11.15 -11.74 -5.27
C SER A 404 9.86 -12.41 -5.64
N VAL A 405 9.75 -12.96 -6.83
CA VAL A 405 8.61 -13.80 -7.15
C VAL A 405 9.11 -15.21 -7.28
N LEU A 406 8.40 -16.15 -6.66
CA LEU A 406 8.74 -17.56 -6.70
C LEU A 406 7.68 -18.32 -7.50
N GLU A 407 8.11 -19.19 -8.40
CA GLU A 407 7.19 -20.01 -9.16
C GLU A 407 6.99 -21.29 -8.38
N THR A 408 5.83 -21.41 -7.75
CA THR A 408 5.63 -22.40 -6.69
C THR A 408 4.49 -23.32 -7.00
N ASN A 409 4.70 -24.61 -6.74
CA ASN A 409 3.65 -25.59 -6.75
C ASN A 409 3.50 -26.13 -5.36
N ARG A 410 2.43 -25.75 -4.66
CA ARG A 410 2.32 -26.03 -3.24
C ARG A 410 1.67 -27.40 -2.97
N PHE A 411 0.42 -27.52 -3.34
CA PHE A 411 -0.32 -28.77 -3.25
C PHE A 411 -0.20 -29.41 -4.62
N ASN A 412 0.54 -30.51 -4.73
CA ASN A 412 0.97 -31.02 -6.04
C ASN A 412 -0.21 -31.34 -6.98
N GLY A 413 -0.21 -30.72 -8.16
CA GLY A 413 -1.30 -30.82 -9.11
C GLY A 413 -2.59 -30.04 -8.80
N LYS A 414 -2.62 -29.34 -7.67
CA LYS A 414 -3.76 -28.49 -7.29
C LYS A 414 -3.58 -27.15 -7.99
N SER A 415 -4.34 -26.11 -7.60
CA SER A 415 -4.17 -24.82 -8.28
C SER A 415 -2.81 -24.20 -7.99
N ILE A 416 -2.04 -23.97 -9.06
CA ILE A 416 -0.67 -23.51 -8.97
C ILE A 416 -0.60 -22.01 -9.19
N ARG A 417 -0.12 -21.26 -8.20
CA ARG A 417 0.11 -19.83 -8.42
C ARG A 417 1.44 -19.41 -7.83
N PRO A 418 2.15 -18.54 -8.56
CA PRO A 418 3.39 -17.96 -8.07
C PRO A 418 3.14 -17.13 -6.82
N GLU A 419 4.13 -17.03 -5.96
CA GLU A 419 4.01 -16.26 -4.72
C GLU A 419 5.01 -15.12 -4.65
N ILE A 420 4.56 -13.91 -4.34
CA ILE A 420 5.44 -12.75 -4.19
C ILE A 420 5.86 -12.60 -2.75
N TYR A 421 7.14 -12.34 -2.54
CA TYR A 421 7.66 -12.07 -1.23
C TYR A 421 8.46 -10.78 -1.24
N SER A 422 8.60 -10.19 -0.06
CA SER A 422 9.41 -8.99 0.12
C SER A 422 10.23 -9.15 1.40
N TYR A 423 11.43 -8.59 1.40
CA TYR A 423 12.32 -8.75 2.55
C TYR A 423 13.33 -7.60 2.58
N LYS A 424 13.97 -7.45 3.73
CA LYS A 424 14.89 -6.36 3.96
C LYS A 424 16.28 -6.91 4.23
N ILE A 425 17.28 -6.29 3.62
CA ILE A 425 18.66 -6.68 3.84
C ILE A 425 19.05 -6.17 5.22
N PRO A 426 19.46 -7.10 6.11
CA PRO A 426 19.83 -6.90 7.52
C PRO A 426 20.85 -5.78 7.73
N LYS A 427 20.64 -4.94 8.74
CA LYS A 427 21.57 -3.84 8.96
C LYS A 427 22.78 -4.30 9.76
N TYR A 428 22.63 -5.43 10.44
CA TYR A 428 23.65 -5.91 11.37
C TYR A 428 23.89 -7.40 11.21
N CYS A 429 25.12 -7.82 11.46
CA CYS A 429 25.51 -9.22 11.25
C CYS A 429 25.43 -10.06 12.50
N SER B 4 -12.10 37.13 15.39
CA SER B 4 -12.14 36.40 16.67
C SER B 4 -12.80 37.25 17.75
N THR B 5 -11.97 37.63 18.73
CA THR B 5 -12.31 38.53 19.83
C THR B 5 -10.98 39.12 20.32
N ASN B 6 -11.00 40.23 21.04
CA ASN B 6 -9.76 40.72 21.63
C ASN B 6 -9.31 39.71 22.71
N ALA B 7 -10.31 39.01 23.27
CA ALA B 7 -10.12 38.01 24.32
C ALA B 7 -9.71 36.62 23.84
N TYR B 8 -10.31 36.16 22.74
CA TYR B 8 -10.07 34.80 22.22
C TYR B 8 -8.75 34.64 21.48
N ALA B 9 -8.02 33.60 21.84
CA ALA B 9 -6.79 33.22 21.14
C ALA B 9 -6.67 31.70 21.11
N GLU B 10 -6.09 31.16 20.04
CA GLU B 10 -5.91 29.71 19.95
C GLU B 10 -5.00 29.27 21.09
N LEU B 11 -5.24 28.09 21.65
CA LEU B 11 -4.44 27.67 22.78
C LEU B 11 -3.09 27.21 22.23
N ALA B 12 -2.05 27.98 22.55
CA ALA B 12 -0.72 27.75 21.98
C ALA B 12 0.32 28.66 22.65
N GLY B 13 1.55 28.59 22.15
CA GLY B 13 2.64 29.42 22.64
C GLY B 13 3.24 28.90 23.94
N PRO B 14 3.87 29.78 24.73
CA PRO B 14 4.40 29.37 26.02
C PRO B 14 3.24 28.93 26.89
N PRO B 15 3.43 27.87 27.68
CA PRO B 15 2.32 27.35 28.47
C PRO B 15 1.87 28.34 29.53
N LYS B 16 0.59 28.32 29.87
CA LYS B 16 0.05 29.20 30.90
C LYS B 16 0.08 28.43 32.20
N ILE B 17 -0.30 29.08 33.30
CA ILE B 17 -0.26 28.44 34.62
C ILE B 17 -1.61 27.84 34.98
N PHE B 18 -1.64 26.53 35.08
CA PHE B 18 -2.84 25.83 35.52
C PHE B 18 -2.43 24.46 36.02
N CYS B 19 -3.39 23.67 36.46
CA CYS B 19 -3.05 22.46 37.18
C CYS B 19 -2.61 21.44 36.17
N LYS B 20 -1.34 21.05 36.22
CA LYS B 20 -0.89 19.99 35.34
C LYS B 20 -0.61 18.64 36.03
N SER B 21 -1.03 18.51 37.28
CA SER B 21 -0.77 17.28 38.05
C SER B 21 -2.10 16.70 38.55
N VAL B 22 -2.06 15.74 39.47
CA VAL B 22 -3.29 15.28 40.12
C VAL B 22 -3.96 16.39 40.94
N SER B 23 -5.28 16.35 40.97
CA SER B 23 -6.07 17.27 41.79
C SER B 23 -7.35 16.57 42.21
N LYS B 24 -7.81 16.87 43.41
CA LYS B 24 -9.03 16.27 43.92
C LYS B 24 -10.12 17.32 43.86
N ASP B 25 -11.27 16.95 43.32
CA ASP B 25 -12.45 17.84 43.22
C ASP B 25 -12.07 19.25 42.80
N PRO B 26 -11.71 19.42 41.52
CA PRO B 26 -11.23 20.76 41.14
C PRO B 26 -12.37 21.65 40.70
N ASP B 27 -12.09 22.92 40.43
CA ASP B 27 -13.18 23.81 40.08
C ASP B 27 -13.12 24.15 38.58
N PHE B 28 -14.00 23.53 37.80
CA PHE B 28 -13.99 23.69 36.35
C PHE B 28 -14.84 24.90 35.97
N ARG B 29 -15.56 25.43 36.96
CA ARG B 29 -16.47 26.54 36.77
C ARG B 29 -17.51 26.17 35.73
N LEU B 30 -18.07 24.98 35.87
CA LEU B 30 -18.87 24.41 34.79
C LEU B 30 -20.19 25.13 34.62
N LYS B 31 -20.45 25.62 33.41
CA LYS B 31 -21.73 26.29 33.13
C LYS B 31 -22.32 25.78 31.81
N GLN B 32 -23.63 25.50 31.82
CA GLN B 32 -24.36 25.07 30.62
C GLN B 32 -24.76 26.22 29.71
N ILE B 33 -24.85 25.97 28.42
CA ILE B 33 -25.33 27.00 27.51
C ILE B 33 -26.59 26.51 26.78
N ASP B 34 -27.74 27.06 27.14
CA ASP B 34 -28.99 26.51 26.65
C ASP B 34 -29.60 27.29 25.49
N TYR B 35 -29.03 28.44 25.13
CA TYR B 35 -29.69 29.25 24.12
C TYR B 35 -29.14 29.17 22.69
N VAL B 36 -28.05 28.44 22.47
CA VAL B 36 -27.46 28.31 21.14
C VAL B 36 -28.20 27.27 20.31
N ILE B 37 -28.38 26.08 20.88
CA ILE B 37 -29.01 25.00 20.12
C ILE B 37 -30.52 25.18 20.12
N PRO B 38 -31.13 25.20 18.90
CA PRO B 38 -32.58 25.33 18.77
C PRO B 38 -33.34 24.32 19.60
N VAL B 39 -34.52 24.72 20.08
CA VAL B 39 -35.34 23.86 20.92
C VAL B 39 -36.55 23.52 20.08
N GLN B 40 -37.02 22.28 20.20
CA GLN B 40 -38.11 21.86 19.37
C GLN B 40 -39.25 21.40 20.28
N GLN B 41 -40.45 21.85 19.93
CA GLN B 41 -41.67 21.60 20.71
C GLN B 41 -42.26 20.21 20.46
N ASP B 42 -41.94 19.62 19.32
CA ASP B 42 -42.44 18.29 18.97
C ASP B 42 -41.75 17.28 19.87
N ARG B 43 -42.53 16.54 20.67
CA ARG B 43 -41.91 15.62 21.62
C ARG B 43 -41.41 14.37 20.91
N SER B 44 -41.84 14.19 19.66
CA SER B 44 -41.41 13.06 18.85
C SER B 44 -40.04 13.26 18.24
N ILE B 45 -39.75 14.50 17.85
CA ILE B 45 -38.50 14.82 17.19
C ILE B 45 -37.30 14.50 18.07
N CYS B 46 -36.24 14.03 17.41
CA CYS B 46 -34.98 13.73 18.09
C CYS B 46 -33.83 14.45 17.40
N MET B 47 -33.15 15.31 18.18
CA MET B 47 -31.98 16.05 17.73
C MET B 47 -30.73 15.30 18.18
N ASN B 48 -29.99 14.79 17.21
CA ASN B 48 -28.94 13.84 17.42
C ASN B 48 -27.66 14.21 16.68
N ASN B 49 -26.58 13.52 17.06
CA ASN B 49 -25.28 13.63 16.42
C ASN B 49 -24.76 15.03 16.27
N PRO B 50 -24.56 15.72 17.39
CA PRO B 50 -24.03 17.07 17.34
C PRO B 50 -22.58 17.09 16.91
N LEU B 51 -22.21 18.10 16.13
CA LEU B 51 -20.84 18.31 15.68
C LEU B 51 -20.50 19.77 15.94
N LEU B 52 -19.35 20.05 16.54
CA LEU B 52 -18.98 21.44 16.75
C LEU B 52 -17.52 21.65 16.44
N ASP B 53 -17.23 22.56 15.53
CA ASP B 53 -15.85 22.93 15.26
C ASP B 53 -15.64 24.40 15.58
N ILE B 54 -14.60 24.70 16.37
CA ILE B 54 -14.34 26.06 16.80
C ILE B 54 -12.93 26.47 16.34
N SER B 55 -12.82 27.50 15.51
CA SER B 55 -11.51 28.02 15.12
C SER B 55 -11.52 29.55 14.97
N ASP B 56 -10.51 30.20 15.54
CA ASP B 56 -10.33 31.65 15.43
C ASP B 56 -11.55 32.44 15.87
N GLY B 57 -12.17 32.01 16.97
CA GLY B 57 -13.21 32.76 17.62
C GLY B 57 -14.58 32.38 17.15
N PHE B 58 -14.64 31.66 16.04
CA PHE B 58 -15.92 31.32 15.43
C PHE B 58 -16.20 29.84 15.50
N PHE B 59 -17.48 29.50 15.47
CA PHE B 59 -17.83 28.11 15.52
C PHE B 59 -18.81 27.73 14.43
N THR B 60 -18.69 26.48 13.99
CA THR B 60 -19.68 25.82 13.15
C THR B 60 -20.33 24.72 13.96
N TYR B 61 -21.66 24.75 14.04
CA TYR B 61 -22.38 23.71 14.76
C TYR B 61 -23.30 23.02 13.78
N ILE B 62 -23.40 21.70 13.90
CA ILE B 62 -24.22 20.89 13.01
C ILE B 62 -24.96 19.85 13.81
N HIS B 63 -26.25 19.65 13.55
CA HIS B 63 -26.92 18.49 14.19
C HIS B 63 -28.06 17.99 13.31
N TYR B 64 -28.48 16.74 13.54
CA TYR B 64 -29.50 16.12 12.68
C TYR B 64 -30.77 16.01 13.51
N GLU B 65 -31.92 16.36 12.92
CA GLU B 65 -33.18 16.20 13.66
C GLU B 65 -34.07 15.31 12.82
N GLY B 66 -34.57 14.23 13.42
CA GLY B 66 -35.41 13.28 12.70
C GLY B 66 -36.44 12.66 13.62
N ILE B 67 -37.54 12.13 13.04
CA ILE B 67 -38.71 11.77 13.84
C ILE B 67 -38.66 10.34 14.36
N ASN B 68 -38.60 10.23 15.69
CA ASN B 68 -38.56 8.96 16.41
C ASN B 68 -37.38 8.08 16.00
N SER B 69 -36.35 8.71 15.45
CA SER B 69 -35.11 8.01 15.12
C SER B 69 -33.92 8.95 15.32
N CYS B 70 -32.92 8.42 16.00
CA CYS B 70 -31.68 9.14 16.31
C CYS B 70 -30.54 8.79 15.33
N LYS B 71 -30.86 8.04 14.27
CA LYS B 71 -29.89 7.75 13.23
C LYS B 71 -29.79 8.90 12.22
N LYS B 72 -28.57 9.17 11.76
CA LYS B 72 -28.28 10.31 10.89
C LYS B 72 -28.94 10.31 9.51
N SER B 73 -29.18 9.11 8.96
CA SER B 73 -29.68 8.99 7.58
C SER B 73 -31.19 9.15 7.37
N ASP B 74 -31.98 8.77 8.38
CA ASP B 74 -33.45 8.85 8.30
C ASP B 74 -33.98 10.16 8.86
N SER B 75 -33.07 11.04 9.27
CA SER B 75 -33.44 12.34 9.80
C SER B 75 -33.78 13.23 8.61
N PHE B 76 -34.93 13.89 8.67
CA PHE B 76 -35.42 14.62 7.50
C PHE B 76 -34.95 16.09 7.42
N LYS B 77 -34.35 16.60 8.50
CA LYS B 77 -33.68 17.90 8.43
C LYS B 77 -32.40 17.96 9.27
N VAL B 78 -31.37 18.55 8.68
CA VAL B 78 -30.10 18.73 9.38
C VAL B 78 -29.70 20.19 9.41
N LEU B 79 -29.39 20.68 10.60
CA LEU B 79 -29.17 22.10 10.85
C LEU B 79 -27.70 22.45 10.80
N LEU B 80 -27.41 23.56 10.12
CA LEU B 80 -26.08 24.13 10.02
C LEU B 80 -26.02 25.57 10.57
N SER B 81 -25.36 25.78 11.72
CA SER B 81 -25.25 27.14 12.28
C SER B 81 -23.79 27.63 12.36
N HIS B 82 -23.65 28.95 12.21
CA HIS B 82 -22.40 29.69 12.32
C HIS B 82 -22.53 30.67 13.45
N GLY B 83 -21.50 30.79 14.27
CA GLY B 83 -21.56 31.74 15.36
C GLY B 83 -20.19 32.16 15.81
N GLU B 84 -20.13 32.95 16.86
CA GLU B 84 -18.83 33.39 17.32
C GLU B 84 -18.76 33.37 18.85
N ILE B 85 -17.52 33.43 19.33
CA ILE B 85 -17.20 33.47 20.75
C ILE B 85 -16.92 34.90 21.15
N VAL B 86 -17.60 35.39 22.17
CA VAL B 86 -17.59 36.83 22.49
C VAL B 86 -17.37 37.10 23.99
N ASP B 87 -16.89 38.29 24.32
CA ASP B 87 -16.73 38.68 25.73
C ASP B 87 -17.96 39.40 26.21
N ARG B 88 -18.70 38.77 27.12
CA ARG B 88 -19.91 39.39 27.64
C ARG B 88 -19.68 40.11 28.96
N GLY B 89 -18.47 39.92 29.49
CA GLY B 89 -18.03 40.56 30.73
C GLY B 89 -18.23 39.76 32.02
N ASP B 90 -18.66 38.50 31.90
CA ASP B 90 -18.86 37.59 33.04
C ASP B 90 -17.58 36.79 33.27
N TYR B 91 -16.55 37.19 32.51
CA TYR B 91 -15.18 36.67 32.60
C TYR B 91 -15.05 35.25 32.05
N ARG B 92 -16.01 34.84 31.22
CA ARG B 92 -15.96 33.54 30.58
C ARG B 92 -16.40 33.66 29.11
N PRO B 93 -15.99 32.70 28.26
CA PRO B 93 -16.43 32.77 26.86
C PRO B 93 -17.91 32.45 26.68
N SER B 94 -18.51 33.17 25.75
CA SER B 94 -19.95 33.15 25.51
C SER B 94 -20.19 32.74 24.07
N LEU B 95 -21.23 31.97 23.79
CA LEU B 95 -21.44 31.59 22.39
C LEU B 95 -22.55 32.43 21.81
N TYR B 96 -22.24 33.17 20.75
CA TYR B 96 -23.24 34.03 20.15
C TYR B 96 -23.56 33.51 18.75
N LEU B 97 -24.84 33.23 18.52
CA LEU B 97 -25.25 32.56 17.31
C LEU B 97 -25.63 33.54 16.19
N LEU B 98 -24.76 33.62 15.20
CA LEU B 98 -24.86 34.56 14.08
C LEU B 98 -25.80 34.19 12.93
N SER B 99 -25.66 32.99 12.39
CA SER B 99 -26.60 32.59 11.35
C SER B 99 -26.88 31.12 11.46
N SER B 100 -28.00 30.69 10.89
CA SER B 100 -28.40 29.32 11.08
C SER B 100 -29.23 28.94 9.86
N HIS B 101 -29.09 27.71 9.39
CA HIS B 101 -29.74 27.29 8.15
C HIS B 101 -30.06 25.79 8.14
N TYR B 102 -30.75 25.34 7.09
CA TYR B 102 -31.01 23.92 6.92
C TYR B 102 -30.35 23.45 5.63
N HIS B 103 -29.80 22.24 5.65
CA HIS B 103 -29.09 21.73 4.48
C HIS B 103 -30.11 21.46 3.41
N PRO B 104 -29.89 22.01 2.21
CA PRO B 104 -30.79 21.88 1.07
C PRO B 104 -31.19 20.42 0.77
N TYR B 105 -30.24 19.52 0.93
CA TYR B 105 -30.44 18.13 0.61
C TYR B 105 -30.76 17.27 1.85
N SER B 106 -31.09 17.92 2.98
CA SER B 106 -31.13 17.27 4.30
C SER B 106 -31.75 15.87 4.32
N MET B 107 -32.80 15.64 3.54
CA MET B 107 -33.49 14.35 3.57
C MET B 107 -32.62 13.22 2.99
N GLN B 108 -31.79 13.58 2.02
CA GLN B 108 -30.87 12.65 1.34
C GLN B 108 -29.43 12.68 1.89
N VAL B 109 -29.19 13.39 2.98
CA VAL B 109 -27.82 13.45 3.52
C VAL B 109 -27.51 12.15 4.28
N ILE B 110 -26.44 11.46 3.86
CA ILE B 110 -25.94 10.31 4.62
C ILE B 110 -24.99 10.81 5.70
N ASN B 111 -24.07 11.73 5.38
CA ASN B 111 -23.18 12.16 6.44
C ASN B 111 -22.53 13.55 6.31
N CYS B 112 -22.19 14.18 7.43
CA CYS B 112 -21.59 15.53 7.39
C CYS B 112 -20.43 15.74 8.35
N VAL B 113 -19.52 16.65 7.97
CA VAL B 113 -18.47 17.12 8.87
C VAL B 113 -18.26 18.63 8.73
N PRO B 114 -18.21 19.36 9.86
CA PRO B 114 -17.98 20.81 9.88
C PRO B 114 -16.53 21.19 9.82
N VAL B 115 -16.16 22.31 9.24
CA VAL B 115 -14.88 22.92 9.59
C VAL B 115 -15.05 24.43 9.48
N THR B 116 -14.56 25.15 10.49
CA THR B 116 -14.63 26.61 10.54
C THR B 116 -13.33 27.17 10.05
N CYS B 117 -13.39 28.02 9.03
CA CYS B 117 -12.18 28.51 8.38
C CYS B 117 -12.31 29.97 8.05
N ASN B 118 -11.27 30.75 8.34
CA ASN B 118 -11.29 32.18 8.07
C ASN B 118 -12.60 32.83 8.53
N GLN B 119 -12.94 32.60 9.79
CA GLN B 119 -14.11 33.21 10.41
C GLN B 119 -15.43 32.94 9.69
N SER B 120 -15.49 31.85 8.94
CA SER B 120 -16.69 31.46 8.23
C SER B 120 -16.94 29.94 8.36
N SER B 121 -18.20 29.52 8.28
CA SER B 121 -18.53 28.09 8.44
C SER B 121 -18.54 27.33 7.13
N PHE B 122 -17.97 26.13 7.15
CA PHE B 122 -17.99 25.22 6.01
C PHE B 122 -18.52 23.84 6.43
N VAL B 123 -19.33 23.23 5.58
CA VAL B 123 -19.89 21.93 5.91
C VAL B 123 -19.73 20.96 4.74
N PHE B 124 -19.00 19.88 4.98
CA PHE B 124 -18.72 18.89 3.95
C PHE B 124 -19.66 17.69 4.08
N CYS B 125 -20.43 17.45 3.02
CA CYS B 125 -21.52 16.48 3.06
C CYS B 125 -21.46 15.40 2.00
N HIS B 126 -21.83 14.21 2.44
CA HIS B 126 -21.99 13.04 1.60
C HIS B 126 -23.48 12.73 1.49
N ILE B 127 -23.95 12.68 0.24
CA ILE B 127 -25.36 12.56 -0.12
C ILE B 127 -25.67 11.40 -1.05
N SER B 128 -26.72 10.65 -0.74
CA SER B 128 -27.08 9.48 -1.52
C SER B 128 -28.58 9.25 -1.53
N ASN B 129 -29.13 8.86 -2.69
CA ASN B 129 -30.53 8.48 -2.78
C ASN B 129 -30.69 7.08 -2.17
N ASN B 130 -29.56 6.38 -2.08
CA ASN B 130 -29.47 5.06 -1.50
C ASN B 130 -29.02 5.15 -0.06
N THR B 131 -29.86 4.73 0.87
CA THR B 131 -29.55 4.80 2.30
C THR B 131 -28.59 3.70 2.72
N LYS B 132 -28.54 2.65 1.91
CA LYS B 132 -27.69 1.51 2.22
C LYS B 132 -26.33 1.57 1.54
N THR B 133 -26.03 2.69 0.88
CA THR B 133 -24.75 2.84 0.17
C THR B 133 -23.65 2.67 1.20
N LEU B 134 -22.44 2.35 0.74
CA LEU B 134 -21.25 2.03 1.58
C LEU B 134 -21.33 0.55 1.87
N ASP B 135 -22.44 -0.04 1.43
CA ASP B 135 -22.65 -1.49 1.36
C ASP B 135 -23.00 -1.85 -0.09
N ASN B 136 -24.12 -1.29 -0.55
CA ASN B 136 -24.67 -1.54 -1.88
C ASN B 136 -24.01 -0.82 -3.04
N SER B 137 -23.08 0.08 -2.79
CA SER B 137 -22.68 0.97 -3.89
C SER B 137 -21.25 1.49 -3.87
N ASP B 138 -21.02 2.46 -4.76
CA ASP B 138 -19.72 3.11 -4.89
C ASP B 138 -19.93 4.63 -4.96
N TYR B 139 -18.85 5.37 -4.86
CA TYR B 139 -18.93 6.83 -4.75
C TYR B 139 -19.23 7.56 -6.05
N SER B 140 -19.31 6.82 -7.14
CA SER B 140 -19.62 7.43 -8.44
C SER B 140 -21.10 7.67 -8.51
N SER B 141 -21.86 6.88 -7.76
CA SER B 141 -23.31 6.97 -7.80
C SER B 141 -23.86 8.04 -6.87
N ASP B 142 -23.04 8.46 -5.91
CA ASP B 142 -23.47 9.47 -4.93
C ASP B 142 -22.93 10.86 -5.26
N GLU B 143 -23.27 11.82 -4.42
CA GLU B 143 -22.80 13.19 -4.62
C GLU B 143 -22.23 13.80 -3.34
N TYR B 144 -21.25 14.68 -3.51
CA TYR B 144 -20.55 15.24 -2.38
C TYR B 144 -20.51 16.77 -2.49
N TYR B 145 -20.98 17.45 -1.44
CA TYR B 145 -21.13 18.88 -1.54
C TYR B 145 -20.42 19.65 -0.43
N ILE B 146 -20.14 20.92 -0.71
CA ILE B 146 -19.60 21.86 0.27
C ILE B 146 -20.57 23.00 0.47
N THR B 147 -21.18 23.08 1.64
CA THR B 147 -22.08 24.18 1.97
C THR B 147 -21.42 25.19 2.88
N TYR B 148 -21.31 26.44 2.47
CA TYR B 148 -20.62 27.40 3.30
C TYR B 148 -21.36 28.72 3.48
N PHE B 149 -21.27 29.27 4.70
CA PHE B 149 -21.86 30.58 5.01
C PHE B 149 -21.24 31.23 6.23
N ASN B 150 -21.33 32.55 6.34
CA ASN B 150 -21.02 33.22 7.60
C ASN B 150 -22.30 33.85 8.14
N GLY B 151 -22.17 34.64 9.21
CA GLY B 151 -23.34 35.28 9.81
C GLY B 151 -24.04 36.37 9.01
N ILE B 152 -23.29 37.05 8.16
CA ILE B 152 -23.85 38.03 7.21
C ILE B 152 -24.45 37.40 5.95
N ASP B 153 -23.72 36.44 5.38
CA ASP B 153 -24.03 35.87 4.07
C ASP B 153 -25.19 34.88 4.01
N ARG B 154 -25.63 34.65 2.78
CA ARG B 154 -26.60 33.61 2.43
C ARG B 154 -25.82 32.35 2.01
N PRO B 155 -26.25 31.16 2.45
CA PRO B 155 -25.46 29.94 2.25
C PRO B 155 -25.30 29.53 0.79
N LYS B 156 -24.11 29.06 0.42
CA LYS B 156 -23.89 28.53 -0.94
C LYS B 156 -23.44 27.06 -0.89
N THR B 157 -24.01 26.23 -1.74
CA THR B 157 -23.64 24.83 -1.81
C THR B 157 -23.03 24.51 -3.18
N LYS B 158 -21.85 23.89 -3.20
CA LYS B 158 -21.20 23.53 -4.47
C LYS B 158 -20.92 22.03 -4.52
N LYS B 159 -21.13 21.42 -5.70
CA LYS B 159 -20.77 20.01 -5.88
C LYS B 159 -19.27 19.95 -5.92
N ILE B 160 -18.69 19.03 -5.17
CA ILE B 160 -17.24 18.95 -5.21
C ILE B 160 -16.95 18.02 -6.36
N PRO B 161 -16.12 18.46 -7.32
CA PRO B 161 -15.84 17.63 -8.50
C PRO B 161 -15.12 16.36 -8.14
N ILE B 162 -15.83 15.46 -7.46
CA ILE B 162 -15.26 14.21 -6.99
C ILE B 162 -14.84 13.39 -8.20
N ASN B 163 -15.50 13.62 -9.32
CA ASN B 163 -15.21 12.89 -10.56
C ASN B 163 -13.77 13.09 -11.03
N ASN B 164 -13.21 14.28 -10.81
CA ASN B 164 -11.80 14.49 -11.07
C ASN B 164 -11.08 14.45 -9.70
N MET B 165 -10.52 13.32 -9.35
CA MET B 165 -9.95 13.19 -8.02
C MET B 165 -8.85 12.18 -8.04
N THR B 166 -7.77 12.42 -7.31
CA THR B 166 -6.73 11.40 -7.26
C THR B 166 -6.80 10.64 -5.94
N ALA B 167 -6.52 9.34 -5.98
CA ALA B 167 -6.56 8.54 -4.77
C ALA B 167 -5.23 7.83 -4.56
N ASP B 168 -4.91 7.49 -3.32
CA ASP B 168 -3.65 6.83 -3.02
C ASP B 168 -3.83 5.30 -2.99
N ASN B 169 -5.04 4.86 -3.35
CA ASN B 169 -5.36 3.43 -3.44
C ASN B 169 -6.64 3.33 -4.26
N ARG B 170 -7.15 2.13 -4.49
CA ARG B 170 -8.39 1.96 -5.23
C ARG B 170 -9.55 1.77 -4.25
N TYR B 171 -10.33 2.82 -4.06
CA TYR B 171 -11.43 2.78 -3.12
C TYR B 171 -12.70 2.79 -3.92
N ILE B 172 -13.64 1.94 -3.59
CA ILE B 172 -14.93 2.00 -4.24
C ILE B 172 -15.82 3.07 -3.61
N HIS B 173 -15.61 3.36 -2.33
CA HIS B 173 -16.46 4.30 -1.63
C HIS B 173 -15.76 5.09 -0.55
N PHE B 174 -16.27 6.29 -0.29
CA PHE B 174 -15.79 7.11 0.82
C PHE B 174 -16.93 7.97 1.34
N THR B 175 -16.89 8.28 2.63
CA THR B 175 -17.88 9.16 3.24
C THR B 175 -17.15 10.11 4.18
N PHE B 176 -17.66 11.33 4.32
CA PHE B 176 -17.12 12.23 5.31
C PHE B 176 -17.65 11.75 6.66
N SER B 177 -16.76 11.42 7.57
CA SER B 177 -17.19 10.90 8.86
C SER B 177 -16.38 11.46 10.01
N GLY B 178 -17.03 12.18 10.90
CA GLY B 178 -16.28 12.68 12.03
C GLY B 178 -16.86 13.89 12.73
N GLY B 179 -16.05 14.48 13.61
CA GLY B 179 -16.49 15.60 14.39
C GLY B 179 -16.02 16.98 13.96
N GLY B 180 -15.11 17.01 12.99
CA GLY B 180 -14.64 18.27 12.44
C GLY B 180 -13.44 18.07 11.54
N GLY B 181 -13.18 19.06 10.68
CA GLY B 181 -12.04 19.04 9.79
C GLY B 181 -11.11 20.21 10.06
N VAL B 182 -10.01 20.32 9.32
CA VAL B 182 -9.15 21.51 9.46
C VAL B 182 -9.01 22.24 8.13
N CYS B 183 -8.60 23.51 8.18
CA CYS B 183 -8.15 24.20 6.98
C CYS B 183 -6.73 24.70 7.21
N LEU B 184 -5.81 24.21 6.39
CA LEU B 184 -4.42 24.63 6.41
C LEU B 184 -4.05 25.35 5.12
N GLY B 185 -3.87 26.67 5.22
CA GLY B 185 -3.62 27.47 4.04
C GLY B 185 -4.81 27.44 3.10
N GLU B 186 -4.54 27.06 1.86
CA GLU B 186 -5.55 27.04 0.81
C GLU B 186 -6.24 25.67 0.73
N GLU B 187 -5.89 24.78 1.66
CA GLU B 187 -6.39 23.40 1.62
C GLU B 187 -7.33 23.05 2.78
N PHE B 188 -8.47 22.44 2.47
CA PHE B 188 -9.29 21.78 3.49
C PHE B 188 -8.82 20.33 3.69
N ILE B 189 -8.85 19.83 4.92
CA ILE B 189 -8.60 18.41 5.14
C ILE B 189 -9.71 17.85 6.03
N ILE B 190 -10.39 16.83 5.53
CA ILE B 190 -11.60 16.33 6.16
C ILE B 190 -11.43 14.88 6.51
N PRO B 191 -11.91 14.45 7.68
CA PRO B 191 -11.90 13.04 8.03
C PRO B 191 -12.80 12.26 7.13
N VAL B 192 -12.32 11.15 6.56
CA VAL B 192 -13.14 10.33 5.69
C VAL B 192 -12.98 8.89 6.12
N THR B 193 -13.99 8.08 5.82
CA THR B 193 -13.88 6.64 5.97
C THR B 193 -14.09 6.09 4.60
N THR B 194 -13.22 5.15 4.22
CA THR B 194 -13.18 4.58 2.88
C THR B 194 -13.59 3.12 2.85
N VAL B 195 -14.14 2.70 1.71
CA VAL B 195 -14.52 1.31 1.51
C VAL B 195 -13.68 0.71 0.38
N ILE B 196 -13.08 -0.45 0.66
CA ILE B 196 -12.19 -1.10 -0.29
C ILE B 196 -12.49 -2.60 -0.36
N ASN B 197 -12.36 -3.17 -1.56
CA ASN B 197 -12.86 -4.53 -1.84
C ASN B 197 -11.87 -5.68 -1.65
N THR B 198 -10.60 -5.35 -1.45
CA THR B 198 -9.57 -6.36 -1.24
C THR B 198 -8.83 -6.10 0.05
N ASP B 199 -8.28 -7.12 0.69
CA ASP B 199 -7.57 -6.86 1.92
C ASP B 199 -6.14 -6.57 1.49
N VAL B 200 -5.78 -5.29 1.56
CA VAL B 200 -4.47 -4.83 1.14
C VAL B 200 -3.57 -4.63 2.35
N PHE B 201 -4.13 -4.91 3.54
CA PHE B 201 -3.61 -4.33 4.78
C PHE B 201 -2.75 -5.27 5.57
N THR B 202 -1.74 -4.70 6.22
CA THR B 202 -0.77 -5.45 6.97
C THR B 202 -0.87 -5.12 8.44
N HIS B 203 -1.36 -6.04 9.25
CA HIS B 203 -1.55 -5.69 10.64
C HIS B 203 -0.50 -6.23 11.58
N ASP B 204 0.52 -5.43 11.85
CA ASP B 204 1.58 -5.83 12.75
C ASP B 204 1.19 -5.66 14.20
N TYR B 205 0.72 -4.46 14.55
CA TYR B 205 0.36 -4.14 15.93
C TYR B 205 -0.63 -5.15 16.45
N CYS B 206 -1.71 -5.35 15.70
CA CYS B 206 -2.73 -6.29 16.09
C CYS B 206 -2.17 -7.70 16.27
N GLU B 207 -1.31 -8.11 15.33
CA GLU B 207 -0.68 -9.43 15.35
C GLU B 207 0.34 -9.59 16.48
N SER B 208 0.74 -8.47 17.08
CA SER B 208 1.83 -8.44 18.06
C SER B 208 1.37 -8.77 19.47
N PHE B 209 0.10 -9.12 19.61
CA PHE B 209 -0.46 -9.32 20.93
C PHE B 209 -0.29 -10.75 21.39
N ASN B 210 0.33 -10.88 22.57
CA ASN B 210 0.60 -12.17 23.21
C ASN B 210 -0.64 -12.53 24.05
N CYS B 211 -1.68 -11.73 23.87
CA CYS B 211 -2.94 -11.90 24.59
C CYS B 211 -3.57 -13.19 24.12
N SER B 212 -4.70 -13.58 24.70
CA SER B 212 -5.25 -14.90 24.36
C SER B 212 -6.59 -14.88 23.66
N VAL B 213 -6.57 -15.24 22.38
CA VAL B 213 -7.80 -15.48 21.64
C VAL B 213 -7.53 -16.71 20.79
N GLN B 214 -8.34 -17.75 20.99
CA GLN B 214 -8.10 -19.06 20.36
C GLN B 214 -9.41 -19.81 20.29
N THR B 215 -9.34 -21.08 19.91
CA THR B 215 -10.50 -21.95 19.76
C THR B 215 -11.41 -21.29 18.73
N GLY B 216 -10.96 -21.34 17.47
CA GLY B 216 -11.55 -20.54 16.43
C GLY B 216 -10.46 -20.15 15.44
N LYS B 217 -10.62 -18.99 14.81
CA LYS B 217 -9.69 -18.52 13.79
C LYS B 217 -8.33 -18.15 14.35
N SER B 218 -7.38 -17.93 13.44
CA SER B 218 -6.01 -17.55 13.77
C SER B 218 -5.84 -16.04 14.03
N LEU B 219 -4.86 -15.71 14.87
CA LEU B 219 -4.62 -14.31 15.24
C LEU B 219 -4.41 -13.43 14.02
N LYS B 220 -3.55 -13.85 13.10
CA LYS B 220 -3.31 -13.12 11.85
C LYS B 220 -4.60 -12.91 11.07
N GLU B 221 -5.40 -13.97 11.01
CA GLU B 221 -6.65 -13.91 10.29
C GLU B 221 -7.67 -13.04 11.00
N ILE B 222 -7.92 -13.24 12.30
CA ILE B 222 -8.95 -12.42 12.96
C ILE B 222 -8.56 -10.92 12.95
N CYS B 223 -7.26 -10.62 13.02
CA CYS B 223 -6.82 -9.25 12.82
C CYS B 223 -7.14 -8.81 11.39
N SER B 224 -6.96 -9.71 10.42
CA SER B 224 -7.32 -9.34 9.06
C SER B 224 -8.83 -9.12 8.89
N GLU B 225 -9.61 -9.87 9.65
CA GLU B 225 -11.06 -9.88 9.54
C GLU B 225 -11.70 -8.77 10.35
N SER B 226 -10.92 -8.18 11.26
CA SER B 226 -11.40 -7.13 12.14
C SER B 226 -11.69 -5.81 11.44
N LEU B 227 -11.16 -5.65 10.23
CA LEU B 227 -11.38 -4.47 9.41
C LEU B 227 -12.55 -4.62 8.45
N ARG B 228 -13.30 -5.70 8.56
CA ARG B 228 -14.38 -5.92 7.62
C ARG B 228 -15.67 -5.25 8.08
N SER B 229 -16.41 -4.66 7.15
CA SER B 229 -17.70 -4.08 7.48
C SER B 229 -18.66 -5.16 7.92
N PRO B 230 -19.26 -5.00 9.10
CA PRO B 230 -20.20 -6.00 9.62
C PRO B 230 -21.46 -6.10 8.77
N THR B 231 -21.70 -5.15 7.88
CA THR B 231 -22.82 -5.28 6.96
C THR B 231 -22.51 -6.15 5.72
N ASN B 232 -21.44 -5.84 4.98
CA ASN B 232 -20.93 -6.72 3.93
C ASN B 232 -19.51 -7.16 4.24
N SER B 233 -19.32 -8.45 4.47
CA SER B 233 -18.03 -9.01 4.90
C SER B 233 -16.95 -8.95 3.82
N SER B 234 -17.35 -8.73 2.58
CA SER B 234 -16.40 -8.62 1.48
C SER B 234 -15.86 -7.21 1.31
N ARG B 235 -16.23 -6.32 2.24
CA ARG B 235 -15.76 -4.94 2.23
C ARG B 235 -14.97 -4.59 3.49
N TYR B 236 -13.95 -3.77 3.29
CA TYR B 236 -13.10 -3.30 4.38
C TYR B 236 -13.26 -1.79 4.52
N ASN B 237 -13.58 -1.34 5.74
CA ASN B 237 -13.67 0.10 6.02
C ASN B 237 -12.39 0.58 6.67
N LEU B 238 -11.69 1.45 5.96
CA LEU B 238 -10.40 1.95 6.39
C LEU B 238 -10.46 3.46 6.47
N ASN B 239 -10.02 4.04 7.59
CA ASN B 239 -10.03 5.51 7.73
C ASN B 239 -9.03 6.21 6.86
N GLY B 240 -9.32 7.45 6.53
CA GLY B 240 -8.40 8.26 5.75
C GLY B 240 -8.73 9.74 5.82
N ILE B 241 -8.08 10.51 4.98
CA ILE B 241 -8.38 11.93 4.89
C ILE B 241 -8.68 12.33 3.46
N MET B 242 -9.39 13.43 3.29
CA MET B 242 -9.59 14.02 1.98
C MET B 242 -9.05 15.43 1.99
N ILE B 243 -8.19 15.71 1.02
CA ILE B 243 -7.56 17.03 0.91
C ILE B 243 -8.14 17.75 -0.28
N ILE B 244 -8.70 18.93 -0.04
CA ILE B 244 -9.35 19.70 -1.08
C ILE B 244 -8.68 21.04 -1.27
N SER B 245 -7.99 21.21 -2.41
CA SER B 245 -7.48 22.51 -2.80
C SER B 245 -8.56 23.25 -3.52
N GLN B 246 -8.66 24.53 -3.23
CA GLN B 246 -9.75 25.34 -3.73
C GLN B 246 -9.25 26.75 -4.02
N ASN B 247 -9.63 27.31 -5.17
CA ASN B 247 -9.33 28.72 -5.41
C ASN B 247 -10.63 29.50 -5.45
N ASN B 248 -10.86 30.30 -4.40
CA ASN B 248 -12.08 31.09 -4.24
C ASN B 248 -13.33 30.26 -4.56
N MET B 249 -13.30 29.00 -4.15
CA MET B 249 -14.39 28.06 -4.38
C MET B 249 -14.72 27.85 -5.85
N THR B 250 -13.69 27.83 -6.68
CA THR B 250 -13.88 27.60 -8.11
C THR B 250 -13.09 26.41 -8.61
N ASP B 251 -11.79 26.60 -8.78
CA ASP B 251 -10.94 25.53 -9.24
C ASP B 251 -10.69 24.60 -8.07
N PHE B 252 -11.03 23.33 -8.24
CA PHE B 252 -10.88 22.35 -7.18
C PHE B 252 -9.83 21.30 -7.55
N LYS B 253 -9.01 20.91 -6.58
CA LYS B 253 -8.16 19.74 -6.74
C LYS B 253 -8.37 18.80 -5.56
N ILE B 254 -8.98 17.64 -5.82
CA ILE B 254 -9.32 16.74 -4.73
C ILE B 254 -8.39 15.53 -4.72
N GLN B 255 -7.83 15.22 -3.56
CA GLN B 255 -7.14 13.94 -3.45
C GLN B 255 -7.43 13.30 -2.11
N LEU B 256 -7.67 12.00 -2.12
CA LEU B 256 -8.14 11.29 -0.94
C LEU B 256 -7.15 10.18 -0.59
N ASN B 257 -6.56 10.27 0.59
CA ASN B 257 -5.50 9.35 1.01
C ASN B 257 -5.94 8.53 2.21
N GLY B 258 -5.31 7.39 2.43
CA GLY B 258 -5.66 6.51 3.54
C GLY B 258 -4.77 6.65 4.77
N ILE B 259 -5.25 6.16 5.90
CA ILE B 259 -4.50 6.33 7.13
C ILE B 259 -3.32 5.35 7.16
N THR B 260 -2.29 5.67 7.94
CA THR B 260 -1.10 4.79 8.05
C THR B 260 -1.49 3.42 8.52
N TYR B 261 -0.75 2.41 8.05
CA TYR B 261 -1.07 1.02 8.36
C TYR B 261 -0.60 0.65 9.76
N ASN B 262 0.18 1.55 10.36
CA ASN B 262 0.65 1.40 11.73
C ASN B 262 -0.53 1.50 12.69
N LYS B 263 -0.68 0.44 13.48
CA LYS B 263 -1.78 0.24 14.42
C LYS B 263 -3.14 0.58 13.79
N LEU B 264 -3.49 -0.10 12.69
CA LEU B 264 -4.74 0.13 11.98
C LEU B 264 -5.89 -0.30 12.85
N SER B 265 -7.01 0.41 12.74
CA SER B 265 -8.24 0.03 13.40
C SER B 265 -9.43 0.27 12.51
N PHE B 266 -10.48 -0.52 12.73
CA PHE B 266 -11.66 -0.49 11.88
C PHE B 266 -12.17 0.91 11.72
N GLY B 267 -12.40 1.26 10.45
CA GLY B 267 -12.82 2.59 10.03
C GLY B 267 -14.03 3.08 10.80
N SER B 268 -13.90 4.31 11.31
CA SER B 268 -14.85 4.87 12.25
C SER B 268 -14.84 6.38 12.15
N PRO B 269 -15.74 7.06 12.89
CA PRO B 269 -15.63 8.53 12.86
C PRO B 269 -14.43 9.01 13.64
N GLY B 270 -13.82 10.09 13.17
CA GLY B 270 -12.69 10.67 13.88
C GLY B 270 -12.59 12.10 13.47
N ARG B 271 -11.57 12.83 13.93
CA ARG B 271 -11.49 14.21 13.47
C ARG B 271 -10.09 14.79 13.45
N LEU B 272 -9.92 15.82 12.63
CA LEU B 272 -8.72 16.62 12.60
C LEU B 272 -8.94 17.95 13.33
N SER B 273 -7.99 18.37 14.18
CA SER B 273 -8.13 19.68 14.83
C SER B 273 -6.78 20.37 14.94
N LYS B 274 -6.74 21.68 14.72
CA LYS B 274 -5.50 22.44 14.88
C LYS B 274 -5.34 22.81 16.35
N THR B 275 -4.27 22.33 16.95
CA THR B 275 -4.07 22.58 18.37
C THR B 275 -2.60 22.62 18.78
N LEU B 276 -2.26 23.56 19.66
CA LEU B 276 -0.91 23.69 20.18
C LEU B 276 0.09 23.78 19.04
N GLY B 277 -0.33 24.36 17.93
CA GLY B 277 0.54 24.52 16.78
C GLY B 277 0.83 23.22 16.06
N GLN B 278 -0.07 22.24 16.22
CA GLN B 278 0.06 20.94 15.57
C GLN B 278 -1.27 20.59 14.92
N VAL B 279 -1.36 19.41 14.32
CA VAL B 279 -2.67 18.90 13.89
C VAL B 279 -2.91 17.55 14.53
N LEU B 280 -3.99 17.44 15.30
CA LEU B 280 -4.30 16.23 16.04
C LEU B 280 -5.43 15.41 15.43
N TYR B 281 -5.17 14.12 15.23
CA TYR B 281 -6.17 13.18 14.72
C TYR B 281 -6.72 12.35 15.87
N TYR B 282 -8.04 12.20 15.89
CA TYR B 282 -8.70 11.35 16.86
C TYR B 282 -9.41 10.35 16.04
N GLN B 283 -9.45 9.11 16.51
CA GLN B 283 -10.29 8.11 15.88
C GLN B 283 -11.06 7.32 16.93
N SER B 284 -12.38 7.34 16.79
CA SER B 284 -13.24 6.66 17.73
C SER B 284 -12.87 5.19 17.74
N SER B 285 -12.93 4.53 18.90
CA SER B 285 -12.47 3.15 18.91
C SER B 285 -13.67 2.22 18.80
N MET B 286 -13.87 1.68 17.60
CA MET B 286 -15.02 0.81 17.33
C MET B 286 -14.71 -0.71 17.26
N SER B 287 -13.47 -1.11 17.52
CA SER B 287 -13.00 -2.51 17.36
C SER B 287 -12.40 -3.01 18.66
N TRP B 288 -11.66 -4.12 18.56
CA TRP B 288 -11.02 -4.74 19.71
C TRP B 288 -10.11 -3.84 20.54
N ASP B 289 -9.48 -2.81 19.94
CA ASP B 289 -8.62 -1.94 20.75
C ASP B 289 -9.46 -0.79 21.27
N THR B 290 -9.81 -0.82 22.55
CA THR B 290 -10.81 0.14 23.06
C THR B 290 -10.21 1.34 23.77
N TYR B 291 -8.90 1.35 23.88
CA TYR B 291 -8.22 2.46 24.50
C TYR B 291 -8.18 3.60 23.49
N LEU B 292 -7.87 4.80 24.00
CA LEU B 292 -7.88 6.03 23.21
C LEU B 292 -6.98 5.91 22.01
N LYS B 293 -7.54 6.16 20.83
CA LYS B 293 -6.72 6.15 19.63
C LYS B 293 -6.65 7.58 19.04
N ALA B 294 -5.53 8.25 19.23
CA ALA B 294 -5.34 9.60 18.69
C ALA B 294 -3.85 9.94 18.69
N GLY B 295 -3.46 10.92 17.87
CA GLY B 295 -2.09 11.35 17.86
C GLY B 295 -1.90 12.57 16.98
N PHE B 296 -0.81 13.30 17.19
CA PHE B 296 -0.55 14.45 16.35
C PHE B 296 -0.06 13.95 14.99
N VAL B 297 -0.27 14.71 13.92
CA VAL B 297 0.02 14.19 12.59
C VAL B 297 1.48 14.42 12.27
N GLU B 298 2.28 13.36 12.15
CA GLU B 298 3.70 13.54 11.75
C GLU B 298 3.98 13.59 10.25
N LYS B 299 3.27 12.81 9.45
CA LYS B 299 3.53 12.74 8.03
C LYS B 299 2.20 12.69 7.31
N TRP B 300 1.99 13.57 6.33
CA TRP B 300 0.70 13.63 5.63
C TRP B 300 0.50 12.55 4.55
N LYS B 301 1.57 12.22 3.83
CA LYS B 301 1.55 11.13 2.86
C LYS B 301 2.53 10.01 3.24
N PRO B 302 2.01 8.84 3.64
CA PRO B 302 0.62 8.47 3.86
C PRO B 302 0.11 9.22 5.07
N PHE B 303 -1.19 9.26 5.32
CA PHE B 303 -1.62 9.98 6.53
C PHE B 303 -1.23 9.18 7.79
N THR B 304 -0.32 9.75 8.59
CA THR B 304 0.23 9.04 9.74
C THR B 304 0.32 9.90 11.03
N PRO B 305 -0.71 9.79 11.89
CA PRO B 305 -0.61 10.35 13.23
C PRO B 305 0.28 9.50 14.12
N ASN B 306 1.09 10.13 14.95
CA ASN B 306 1.90 9.40 15.91
C ASN B 306 0.98 8.95 17.02
N TRP B 307 0.74 7.65 17.12
CA TRP B 307 -0.30 7.20 18.03
C TRP B 307 0.16 7.35 19.47
N MET B 308 -0.77 7.81 20.30
CA MET B 308 -0.54 7.93 21.73
C MET B 308 -0.65 6.56 22.33
N ASN B 309 0.18 6.28 23.31
CA ASN B 309 0.00 5.02 24.02
C ASN B 309 -0.69 5.34 25.32
N ASN B 310 -1.98 5.06 25.39
CA ASN B 310 -2.76 5.56 26.48
C ASN B 310 -3.35 4.42 27.27
N THR B 311 -3.01 4.39 28.55
CA THR B 311 -3.39 3.28 29.40
C THR B 311 -4.62 3.53 30.30
N VAL B 312 -5.22 4.73 30.20
CA VAL B 312 -6.25 5.16 31.15
C VAL B 312 -7.57 5.46 30.46
N ILE B 313 -7.55 6.31 29.45
CA ILE B 313 -8.77 6.67 28.75
C ILE B 313 -9.35 5.57 27.86
N SER B 314 -10.66 5.33 27.98
CA SER B 314 -11.32 4.32 27.17
C SER B 314 -12.80 4.69 26.88
N ARG B 315 -13.58 3.73 26.40
CA ARG B 315 -14.98 4.00 26.09
C ARG B 315 -15.86 2.81 26.37
N PRO B 316 -17.12 3.04 26.75
CA PRO B 316 -18.06 1.95 27.03
C PRO B 316 -18.62 1.33 25.74
N ASN B 317 -18.83 0.01 25.72
CA ASN B 317 -19.54 -0.66 24.61
C ASN B 317 -20.21 -1.97 25.06
N GLN B 318 -21.35 -2.30 24.44
CA GLN B 318 -22.04 -3.56 24.66
C GLN B 318 -21.53 -4.57 23.63
N GLY B 319 -21.08 -5.72 24.11
CA GLY B 319 -20.43 -6.69 23.26
C GLY B 319 -19.22 -7.25 23.98
N ASN B 320 -18.36 -7.95 23.25
CA ASN B 320 -17.22 -8.60 23.87
C ASN B 320 -16.08 -7.60 24.10
N CYS B 321 -16.30 -6.38 23.62
CA CYS B 321 -15.31 -5.33 23.79
C CYS B 321 -15.86 -4.14 24.56
N PRO B 322 -15.95 -4.28 25.90
CA PRO B 322 -16.38 -3.20 26.77
C PRO B 322 -15.21 -2.30 27.09
N ARG B 323 -15.40 -1.37 28.02
CA ARG B 323 -14.35 -0.46 28.43
C ARG B 323 -13.16 -1.25 28.92
N TYR B 324 -11.97 -0.74 28.62
CA TYR B 324 -10.69 -1.26 29.08
C TYR B 324 -10.20 -2.51 28.36
N HIS B 325 -10.94 -3.03 27.38
CA HIS B 325 -10.50 -4.28 26.75
C HIS B 325 -9.54 -4.10 25.55
N LYS B 326 -8.28 -4.49 25.73
CA LYS B 326 -7.27 -4.34 24.67
C LYS B 326 -6.92 -5.60 23.87
N CYS B 327 -7.60 -6.72 24.08
CA CYS B 327 -7.19 -7.96 23.37
C CYS B 327 -7.83 -8.16 21.98
N PRO B 328 -6.99 -8.46 20.95
CA PRO B 328 -7.52 -8.61 19.60
C PRO B 328 -8.70 -9.55 19.57
N GLU B 329 -9.69 -9.24 18.75
CA GLU B 329 -10.96 -9.96 18.78
C GLU B 329 -11.85 -9.36 17.70
N ILE B 330 -12.85 -10.10 17.25
CA ILE B 330 -13.74 -9.54 16.25
C ILE B 330 -15.01 -9.09 16.92
N CYS B 331 -15.10 -7.78 17.04
CA CYS B 331 -16.18 -7.08 17.71
C CYS B 331 -16.33 -5.72 17.07
N TYR B 332 -17.56 -5.22 17.02
CA TYR B 332 -17.83 -3.93 16.44
C TYR B 332 -18.77 -3.12 17.30
N GLY B 333 -18.32 -1.93 17.69
CA GLY B 333 -19.17 -1.01 18.41
C GLY B 333 -18.30 -0.10 19.24
N GLY B 334 -18.93 0.89 19.86
CA GLY B 334 -18.17 1.82 20.67
C GLY B 334 -18.72 3.22 20.52
N THR B 335 -18.18 4.14 21.30
CA THR B 335 -18.72 5.48 21.37
C THR B 335 -17.73 6.57 20.93
N TYR B 336 -18.23 7.70 20.43
CA TYR B 336 -17.33 8.78 19.97
C TYR B 336 -17.09 9.80 21.09
N ASN B 337 -15.89 9.81 21.65
CA ASN B 337 -15.53 10.88 22.57
C ASN B 337 -14.22 11.48 22.17
N ASP B 338 -14.20 12.68 21.56
CA ASP B 338 -12.92 13.19 21.05
C ASP B 338 -12.24 14.03 22.09
N ILE B 339 -11.05 14.54 21.77
CA ILE B 339 -10.20 15.10 22.82
C ILE B 339 -9.60 16.45 22.40
N ALA B 340 -9.07 17.19 23.36
CA ALA B 340 -8.32 18.40 23.01
C ALA B 340 -7.06 18.50 23.86
N PRO B 341 -5.95 18.89 23.25
CA PRO B 341 -4.70 19.00 24.01
C PRO B 341 -4.68 20.24 24.84
N LEU B 342 -4.04 20.17 26.01
CA LEU B 342 -3.87 21.33 26.87
C LEU B 342 -2.42 21.77 26.94
N ASP B 343 -1.54 20.91 27.43
CA ASP B 343 -0.14 21.26 27.46
C ASP B 343 0.64 20.17 26.75
N LEU B 344 1.58 20.59 25.88
CA LEU B 344 2.40 19.63 25.16
C LEU B 344 3.47 19.05 26.07
N GLY B 345 4.14 19.92 26.82
CA GLY B 345 5.20 19.52 27.72
C GLY B 345 4.77 18.52 28.75
N LYS B 346 3.58 18.69 29.30
CA LYS B 346 3.08 17.77 30.31
C LYS B 346 2.22 16.68 29.69
N ASP B 347 2.12 16.68 28.36
CA ASP B 347 1.37 15.65 27.67
C ASP B 347 -0.04 15.52 28.28
N MET B 348 -0.82 16.59 28.17
CA MET B 348 -2.14 16.63 28.80
C MET B 348 -3.27 16.85 27.85
N TYR B 349 -4.40 16.22 28.17
CA TYR B 349 -5.57 16.25 27.31
C TYR B 349 -6.85 16.34 28.14
N VAL B 350 -7.89 16.93 27.54
CA VAL B 350 -9.25 16.98 28.08
C VAL B 350 -10.20 16.19 27.21
N SER B 351 -11.10 15.44 27.81
CA SER B 351 -12.11 14.78 27.02
C SER B 351 -13.32 14.56 27.89
N VAL B 352 -14.52 14.59 27.32
CA VAL B 352 -15.66 14.18 28.15
C VAL B 352 -15.88 12.71 27.90
N ILE B 353 -15.52 11.87 28.88
CA ILE B 353 -15.56 10.41 28.66
C ILE B 353 -16.67 9.79 29.49
N LEU B 354 -17.25 8.70 29.00
CA LEU B 354 -18.36 8.09 29.70
C LEU B 354 -17.84 7.14 30.77
N ASP B 355 -18.24 7.38 32.02
CA ASP B 355 -17.79 6.53 33.11
C ASP B 355 -18.83 5.46 33.20
N SER B 356 -18.49 4.31 32.65
CA SER B 356 -19.39 3.17 32.52
C SER B 356 -18.66 2.12 31.69
N ASP B 357 -19.10 0.86 31.77
CA ASP B 357 -18.42 -0.20 31.04
C ASP B 357 -19.21 -0.60 29.81
N GLN B 358 -20.44 -1.05 29.98
CA GLN B 358 -21.26 -1.38 28.81
C GLN B 358 -22.20 -0.26 28.38
N LEU B 359 -22.39 0.75 29.21
CA LEU B 359 -23.49 1.68 28.92
C LEU B 359 -23.07 3.08 28.57
N ALA B 360 -23.86 3.74 27.72
CA ALA B 360 -23.47 5.09 27.34
C ALA B 360 -24.13 6.09 28.26
N GLU B 361 -23.35 6.61 29.20
CA GLU B 361 -23.90 7.43 30.24
C GLU B 361 -22.82 7.93 31.19
N ASN B 362 -23.24 8.80 32.09
CA ASN B 362 -22.36 9.34 33.11
C ASN B 362 -21.14 10.04 32.52
N PRO B 363 -21.38 11.09 31.72
CA PRO B 363 -20.25 11.85 31.20
C PRO B 363 -19.43 12.46 32.34
N GLU B 364 -18.12 12.33 32.29
CA GLU B 364 -17.22 12.98 33.25
C GLU B 364 -16.17 13.79 32.45
N ILE B 365 -16.00 15.05 32.83
CA ILE B 365 -14.95 15.89 32.25
C ILE B 365 -13.65 15.37 32.80
N THR B 366 -12.77 14.92 31.92
CA THR B 366 -11.56 14.27 32.37
C THR B 366 -10.31 14.95 31.81
N VAL B 367 -9.33 15.13 32.68
CA VAL B 367 -8.01 15.65 32.31
C VAL B 367 -6.96 14.62 32.69
N PHE B 368 -6.17 14.23 31.68
CA PHE B 368 -5.23 13.11 31.79
C PHE B 368 -3.91 13.32 31.04
N ASN B 369 -2.85 12.63 31.50
CA ASN B 369 -1.63 12.37 30.73
C ASN B 369 -1.82 10.98 30.10
N SER B 370 -0.81 10.43 29.47
CA SER B 370 -0.96 9.15 28.79
C SER B 370 -1.11 7.96 29.75
N THR B 371 -0.43 8.09 30.89
CA THR B 371 -0.34 7.08 31.95
C THR B 371 -1.50 7.06 32.96
N THR B 372 -1.93 8.24 33.41
CA THR B 372 -2.83 8.31 34.56
C THR B 372 -3.94 9.39 34.44
N ILE B 373 -5.00 9.31 35.25
CA ILE B 373 -6.00 10.37 35.17
C ILE B 373 -5.72 11.45 36.22
N LEU B 374 -5.43 12.65 35.73
CA LEU B 374 -5.05 13.73 36.61
C LEU B 374 -6.20 14.24 37.44
N TYR B 375 -7.31 14.64 36.80
CA TYR B 375 -8.52 14.97 37.57
C TYR B 375 -9.81 14.97 36.77
N LYS B 376 -10.93 14.83 37.45
CA LYS B 376 -12.21 14.65 36.76
C LYS B 376 -13.31 15.36 37.49
N GLU B 377 -14.38 15.69 36.78
CA GLU B 377 -15.63 16.08 37.44
C GLU B 377 -16.80 15.49 36.70
N ARG B 378 -17.68 14.81 37.42
CA ARG B 378 -18.89 14.28 36.83
C ARG B 378 -19.70 15.51 36.35
N VAL B 379 -20.27 15.44 35.14
CA VAL B 379 -20.97 16.60 34.60
C VAL B 379 -22.31 16.78 35.27
N SER B 380 -23.02 15.67 35.48
CA SER B 380 -24.32 15.70 36.13
C SER B 380 -24.35 14.82 37.37
N LYS B 381 -24.91 15.33 38.46
CA LYS B 381 -24.98 14.55 39.69
C LYS B 381 -26.07 13.51 39.50
N ASP B 382 -27.09 13.86 38.72
CA ASP B 382 -28.11 12.91 38.30
C ASP B 382 -27.58 12.10 37.14
N GLU B 383 -27.98 10.84 37.06
CA GLU B 383 -27.53 9.99 35.96
C GLU B 383 -28.01 10.53 34.63
N LEU B 384 -27.07 10.74 33.71
CA LEU B 384 -27.36 11.40 32.45
C LEU B 384 -26.94 10.52 31.30
N ASN B 385 -27.88 10.28 30.40
CA ASN B 385 -27.67 9.42 29.26
C ASN B 385 -27.02 10.17 28.10
N THR B 386 -25.87 9.69 27.64
CA THR B 386 -25.05 10.43 26.67
C THR B 386 -24.32 9.51 25.71
N ARG B 387 -24.26 9.88 24.44
CA ARG B 387 -23.62 9.06 23.41
C ARG B 387 -22.32 9.70 22.92
N SER B 388 -22.41 10.65 22.00
CA SER B 388 -21.23 11.31 21.42
C SER B 388 -20.79 12.49 22.25
N THR B 389 -19.49 12.76 22.36
CA THR B 389 -19.08 13.99 23.03
C THR B 389 -17.96 14.67 22.26
N THR B 390 -18.10 15.93 21.88
CA THR B 390 -16.98 16.63 21.24
C THR B 390 -16.49 17.75 22.16
N THR B 391 -15.19 18.03 22.15
CA THR B 391 -14.62 19.03 23.06
C THR B 391 -13.61 19.88 22.31
N SER B 392 -13.65 21.20 22.49
CA SER B 392 -12.67 22.06 21.86
C SER B 392 -12.16 23.07 22.89
N CYS B 393 -10.87 23.39 22.87
CA CYS B 393 -10.34 24.33 23.87
C CYS B 393 -9.61 25.50 23.25
N PHE B 394 -9.45 26.53 24.04
CA PHE B 394 -8.85 27.75 23.53
C PHE B 394 -8.43 28.61 24.69
N LEU B 395 -7.82 29.73 24.37
CA LEU B 395 -7.43 30.68 25.38
C LEU B 395 -8.47 31.78 25.42
N PHE B 396 -9.02 32.04 26.59
CA PHE B 396 -9.94 33.15 26.75
C PHE B 396 -9.50 34.02 27.92
N LEU B 397 -9.16 35.28 27.63
CA LEU B 397 -8.58 36.16 28.63
C LEU B 397 -7.29 35.53 29.18
N ASP B 398 -6.46 35.03 28.25
CA ASP B 398 -5.14 34.44 28.55
C ASP B 398 -5.16 33.26 29.51
N GLU B 399 -6.27 32.54 29.52
CA GLU B 399 -6.38 31.29 30.25
C GLU B 399 -7.15 30.22 29.47
N PRO B 400 -6.70 28.95 29.56
CA PRO B 400 -7.35 27.88 28.80
C PRO B 400 -8.77 27.57 29.27
N TRP B 401 -9.70 27.55 28.31
CA TRP B 401 -11.15 27.38 28.48
C TRP B 401 -11.64 26.39 27.43
N CYS B 402 -12.63 25.57 27.76
CA CYS B 402 -13.12 24.55 26.83
C CYS B 402 -14.63 24.60 26.66
N ILE B 403 -15.09 24.23 25.48
CA ILE B 403 -16.51 24.04 25.22
C ILE B 403 -16.75 22.61 24.73
N SER B 404 -17.67 21.89 25.38
CA SER B 404 -17.96 20.51 24.99
C SER B 404 -19.41 20.40 24.62
N VAL B 405 -19.72 19.64 23.58
CA VAL B 405 -21.10 19.34 23.27
C VAL B 405 -21.32 17.87 23.59
N LEU B 406 -22.43 17.60 24.30
CA LEU B 406 -22.80 16.25 24.69
C LEU B 406 -24.03 15.83 23.94
N GLU B 407 -24.03 14.62 23.40
CA GLU B 407 -25.22 14.13 22.73
C GLU B 407 -26.04 13.39 23.77
N THR B 408 -27.16 13.99 24.16
CA THR B 408 -27.79 13.61 25.43
C THR B 408 -29.23 13.14 25.29
N ASN B 409 -29.58 12.10 26.04
CA ASN B 409 -30.97 11.73 26.23
C ASN B 409 -31.33 11.93 27.68
N ARG B 410 -32.05 13.01 27.97
CA ARG B 410 -32.20 13.40 29.36
C ARG B 410 -33.47 12.83 29.96
N PHE B 411 -34.60 13.29 29.42
CA PHE B 411 -35.92 12.79 29.78
C PHE B 411 -36.21 11.70 28.74
N ASN B 412 -36.22 10.45 29.20
CA ASN B 412 -36.08 9.31 28.29
C ASN B 412 -37.14 9.25 27.18
N GLY B 413 -36.68 9.23 25.93
CA GLY B 413 -37.56 9.23 24.78
C GLY B 413 -38.29 10.54 24.51
N LYS B 414 -38.06 11.57 25.32
CA LYS B 414 -38.72 12.86 25.14
C LYS B 414 -37.97 13.67 24.09
N SER B 415 -38.27 14.96 23.98
CA SER B 415 -37.61 15.78 22.98
C SER B 415 -36.14 15.79 23.32
N ILE B 416 -35.34 15.36 22.34
CA ILE B 416 -33.94 15.10 22.54
C ILE B 416 -33.10 16.29 22.10
N ARG B 417 -32.29 16.85 23.00
CA ARG B 417 -31.36 17.88 22.55
C ARG B 417 -29.96 17.66 23.09
N PRO B 418 -28.96 17.82 22.21
CA PRO B 418 -27.58 17.90 22.65
C PRO B 418 -27.40 19.13 23.53
N GLU B 419 -26.49 19.06 24.49
CA GLU B 419 -26.28 20.18 25.40
C GLU B 419 -24.86 20.71 25.28
N ILE B 420 -24.73 22.02 25.15
CA ILE B 420 -23.43 22.65 25.07
C ILE B 420 -22.99 23.05 26.49
N TYR B 421 -21.75 22.76 26.89
CA TYR B 421 -21.21 23.22 28.18
C TYR B 421 -19.91 23.96 27.99
N SER B 422 -19.55 24.81 28.94
CA SER B 422 -18.27 25.49 28.90
C SER B 422 -17.66 25.43 30.29
N TYR B 423 -16.34 25.33 30.34
CA TYR B 423 -15.62 25.18 31.61
C TYR B 423 -14.19 25.66 31.48
N LYS B 424 -13.56 25.88 32.62
CA LYS B 424 -12.24 26.49 32.68
C LYS B 424 -11.27 25.50 33.27
N ILE B 425 -10.09 25.36 32.69
CA ILE B 425 -9.13 24.42 33.23
C ILE B 425 -8.57 25.12 34.46
N PRO B 426 -8.68 24.46 35.64
CA PRO B 426 -8.30 24.94 36.99
C PRO B 426 -6.90 25.52 37.08
N LYS B 427 -6.71 26.64 37.75
CA LYS B 427 -5.36 27.20 37.84
C LYS B 427 -4.57 26.53 38.96
N TYR B 428 -5.26 25.89 39.90
CA TYR B 428 -4.59 25.37 41.07
C TYR B 428 -5.05 23.95 41.40
N CYS B 429 -4.14 23.19 42.00
CA CYS B 429 -4.42 21.80 42.26
C CYS B 429 -4.95 21.56 43.66
C1 NAG C . 11.67 7.52 -21.50
C2 NAG C . 11.49 7.41 -23.02
C3 NAG C . 12.75 7.90 -23.71
C4 NAG C . 13.06 9.34 -23.28
C5 NAG C . 13.17 9.39 -21.76
C6 NAG C . 13.35 10.79 -21.22
C7 NAG C . 9.94 5.63 -23.71
C8 NAG C . 9.82 4.20 -24.12
N2 NAG C . 11.18 6.05 -23.43
O3 NAG C . 12.55 7.82 -25.12
O4 NAG C . 14.31 9.77 -23.82
O5 NAG C . 11.97 8.88 -21.16
O6 NAG C . 12.44 11.07 -20.16
O7 NAG C . 8.96 6.37 -23.62
C1 NAG C . 14.21 10.58 -25.00
C2 NAG C . 15.66 10.86 -25.46
C3 NAG C . 15.67 11.68 -26.75
C4 NAG C . 14.80 11.03 -27.81
C5 NAG C . 13.40 10.78 -27.27
C6 NAG C . 12.51 10.04 -28.24
C7 NAG C . 17.41 10.99 -23.72
C8 NAG C . 18.04 11.84 -22.66
N2 NAG C . 16.39 11.54 -24.40
O3 NAG C . 17.01 11.81 -27.22
O4 NAG C . 14.73 11.85 -28.97
O5 NAG C . 13.48 9.97 -26.08
O6 NAG C . 11.15 10.41 -28.09
O7 NAG C . 17.79 9.84 -23.95
C1 NAG D . -1.78 -17.34 -37.17
C2 NAG D . -1.33 -16.11 -37.99
C3 NAG D . -2.53 -15.20 -38.29
C4 NAG D . -3.75 -15.97 -38.79
C5 NAG D . -4.01 -17.22 -37.96
C6 NAG D . -5.08 -18.13 -38.56
C7 NAG D . 0.97 -15.82 -37.16
C8 NAG D . 1.90 -14.94 -36.43
N2 NAG D . -0.28 -15.38 -37.30
O3 NAG D . -2.12 -14.24 -39.26
O4 NAG D . -4.89 -15.13 -38.64
O5 NAG D . -2.82 -18.01 -37.84
O6 NAG D . -4.73 -18.61 -39.85
O7 NAG D . 1.31 -16.92 -37.60
C1 NAG D . -5.46 -14.70 -39.90
C2 NAG D . -6.64 -13.76 -39.60
C3 NAG D . -7.29 -13.32 -40.92
C4 NAG D . -6.25 -12.75 -41.88
C5 NAG D . -5.11 -13.74 -42.05
C6 NAG D . -3.99 -13.22 -42.94
C7 NAG D . -8.03 -13.89 -37.57
C8 NAG D . -9.03 -14.71 -36.80
N2 NAG D . -7.61 -14.41 -38.73
O3 NAG D . -8.30 -12.35 -40.66
O4 NAG D . -6.85 -12.47 -43.14
O5 NAG D . -4.54 -14.05 -40.77
O6 NAG D . -3.49 -14.24 -43.78
O7 NAG D . -7.63 -12.81 -37.15
C1 NAG E . 15.64 -29.19 -37.86
C2 NAG E . 14.26 -29.39 -38.47
C3 NAG E . 14.32 -29.20 -39.99
C4 NAG E . 15.09 -27.95 -40.40
C5 NAG E . 16.39 -27.81 -39.59
C6 NAG E . 17.11 -26.50 -39.80
C7 NAG E . 12.74 -30.86 -37.21
C8 NAG E . 12.28 -32.27 -36.99
N2 NAG E . 13.70 -30.68 -38.14
O3 NAG E . 12.99 -29.13 -40.48
O4 NAG E . 15.46 -28.09 -41.76
O5 NAG E . 16.13 -27.93 -38.20
O6 NAG E . 16.27 -25.46 -40.29
O7 NAG E . 12.28 -29.92 -36.57
C1 NAG E . 14.77 -27.21 -42.65
C2 NAG E . 15.40 -27.24 -44.05
C3 NAG E . 14.66 -26.30 -45.00
C4 NAG E . 13.15 -26.53 -44.94
C5 NAG E . 12.65 -26.56 -43.49
C6 NAG E . 11.19 -26.95 -43.33
C7 NAG E . 17.81 -27.81 -43.94
C8 NAG E . 19.20 -27.26 -43.87
N2 NAG E . 16.82 -26.90 -44.00
O3 NAG E . 15.15 -26.50 -46.32
O4 NAG E . 12.49 -25.47 -45.63
O5 NAG E . 13.40 -27.54 -42.74
O6 NAG E . 10.55 -27.17 -44.58
O7 NAG E . 17.57 -29.02 -43.92
C1 NAG F . 36.83 -13.60 -13.87
C2 NAG F . 36.90 -12.08 -13.80
C3 NAG F . 37.37 -11.51 -15.13
C4 NAG F . 38.68 -12.16 -15.57
C5 NAG F . 38.56 -13.68 -15.53
C6 NAG F . 39.86 -14.38 -15.78
C7 NAG F . 35.46 -10.33 -12.87
C8 NAG F . 34.06 -9.93 -12.54
N2 NAG F . 35.60 -11.54 -13.43
O3 NAG F . 37.52 -10.10 -14.99
O4 NAG F . 38.99 -11.81 -16.92
O5 NAG F . 38.11 -14.12 -14.23
O6 NAG F . 39.73 -15.77 -15.47
O7 NAG F . 36.42 -9.60 -12.64
C1 NAG F . 39.83 -10.63 -17.02
C2 NAG F . 40.61 -10.75 -18.30
C3 NAG F . 41.57 -9.57 -18.44
C4 NAG F . 40.81 -8.25 -18.31
C5 NAG F . 39.92 -8.24 -17.08
C6 NAG F . 38.96 -7.07 -17.06
C7 NAG F . 40.90 -13.04 -19.13
C8 NAG F . 39.64 -12.81 -19.91
N2 NAG F . 41.33 -12.01 -18.38
O3 NAG F . 42.19 -9.64 -19.72
O4 NAG F . 41.71 -7.16 -18.26
O5 NAG F . 39.10 -9.42 -17.02
O6 NAG F . 37.95 -7.23 -18.04
O7 NAG F . 41.52 -14.10 -19.18
C1 NAG G . 33.60 -11.90 -0.13
C2 NAG G . 35.13 -11.89 -0.16
C3 NAG G . 35.70 -12.94 0.80
C4 NAG G . 35.07 -12.82 2.18
C5 NAG G . 33.55 -12.76 2.09
C6 NAG G . 32.93 -12.45 3.43
C7 NAG G . 35.74 -11.13 -2.41
C8 NAG G . 36.26 -11.55 -3.75
N2 NAG G . 35.62 -12.11 -1.51
O3 NAG G . 37.10 -12.72 0.92
O4 NAG G . 35.45 -13.94 2.98
O5 NAG G . 33.15 -11.72 1.19
O6 NAG G . 32.98 -13.58 4.28
O7 NAG G . 35.45 -9.97 -2.15
C1 NAG G . 36.30 -13.51 4.08
C2 NAG G . 36.71 -14.65 5.04
C3 NAG G . 37.48 -14.09 6.24
C4 NAG G . 38.62 -13.17 5.78
C5 NAG G . 38.09 -12.12 4.81
C6 NAG G . 39.18 -11.22 4.26
C7 NAG G . 35.30 -16.68 5.17
C8 NAG G . 34.05 -17.27 5.76
N2 NAG G . 35.55 -15.40 5.50
O3 NAG G . 37.98 -15.15 7.03
O4 NAG G . 39.20 -12.54 6.91
O5 NAG G . 37.47 -12.77 3.69
O6 NAG G . 38.78 -9.85 4.26
O7 NAG G . 36.04 -17.32 4.43
C1 NAG H . -8.21 31.47 4.42
C2 NAG H . -8.44 30.95 3.01
C3 NAG H . -7.11 30.52 2.39
C4 NAG H . -6.12 31.68 2.43
C5 NAG H . -6.03 32.29 3.83
C6 NAG H . -5.25 33.58 3.86
C7 NAG H . -10.61 29.94 2.45
C8 NAG H . -10.96 31.25 1.81
N2 NAG H . -9.40 29.86 3.00
O3 NAG H . -7.34 30.10 1.04
O4 NAG H . -4.83 31.19 2.06
O5 NAG H . -7.34 32.59 4.36
O6 NAG H . -5.52 34.39 2.71
O7 NAG H . -11.39 28.99 2.46
C1 NAG H . -4.43 31.57 0.72
C2 NAG H . -2.93 31.27 0.52
C3 NAG H . -2.49 31.74 -0.86
C4 NAG H . -3.35 31.07 -1.93
C5 NAG H . -4.82 31.36 -1.66
C6 NAG H . -5.76 30.64 -2.61
C7 NAG H . -1.22 31.21 2.30
C8 NAG H . -1.09 29.75 2.01
N2 NAG H . -2.11 31.89 1.56
O3 NAG H . -1.11 31.44 -1.08
O4 NAG H . -2.98 31.53 -3.23
O5 NAG H . -5.19 30.94 -0.33
O6 NAG H . -7.01 31.30 -2.73
O7 NAG H . -0.56 31.76 3.18
C1 NAG I . -21.28 -5.86 -0.29
C2 NAG I . -22.69 -5.77 -0.90
C3 NAG I . -22.74 -6.31 -2.35
C4 NAG I . -21.57 -5.78 -3.20
C5 NAG I . -20.28 -6.10 -2.49
C6 NAG I . -19.03 -5.65 -3.24
C7 NAG I . -24.86 -6.14 0.21
C8 NAG I . -25.64 -7.05 1.11
N2 NAG I . -23.61 -6.52 -0.06
O3 NAG I . -23.97 -5.93 -2.96
O4 NAG I . -21.62 -6.39 -4.48
O5 NAG I . -20.28 -5.42 -1.24
O6 NAG I . -19.14 -4.36 -3.80
O7 NAG I . -25.35 -5.10 -0.26
C1 NAG I . -21.90 -5.46 -5.55
C2 NAG I . -21.24 -5.96 -6.86
C3 NAG I . -21.50 -4.96 -7.99
C4 NAG I . -22.99 -4.70 -8.15
C5 NAG I . -23.58 -4.23 -6.81
C6 NAG I . -25.08 -4.03 -6.84
C7 NAG I . -19.27 -7.35 -6.36
C8 NAG I . -20.22 -8.51 -6.23
N2 NAG I . -19.82 -6.17 -6.67
O3 NAG I . -20.95 -5.45 -9.22
O4 NAG I . -23.21 -3.71 -9.16
O5 NAG I . -23.32 -5.21 -5.78
O6 NAG I . -25.63 -4.32 -8.12
O7 NAG I . -18.05 -7.48 -6.20
C1 NAG J . 3.85 5.30 21.68
C2 NAG J . 4.61 6.57 21.36
C3 NAG J . 5.30 6.45 19.99
C4 NAG J . 6.07 5.14 19.86
C5 NAG J . 5.25 3.95 20.37
C6 NAG J . 6.09 2.72 20.55
C7 NAG J . 4.16 8.95 21.73
C8 NAG J . 3.13 10.03 21.71
N2 NAG J . 3.74 7.73 21.39
O3 NAG J . 6.17 7.56 19.81
O4 NAG J . 6.33 4.88 18.49
O5 NAG J . 4.70 4.24 21.65
O6 NAG J . 6.77 2.78 21.80
O7 NAG J . 5.33 9.17 22.04
C1 NAG J . 7.47 5.59 17.98
C2 NAG J . 8.55 4.62 17.51
C3 NAG J . 9.77 5.42 17.11
C4 NAG J . 9.39 6.37 15.97
C5 NAG J . 8.25 7.28 16.43
C6 NAG J . 7.71 8.16 15.32
C7 NAG J . 8.76 2.32 18.28
C8 NAG J . 9.17 1.41 19.40
N2 NAG J . 8.88 3.63 18.50
O3 NAG J . 10.80 4.52 16.75
O4 NAG J . 10.51 7.15 15.55
O5 NAG J . 7.13 6.51 16.91
O6 NAG J . 8.70 9.07 14.88
O7 NAG J . 8.33 1.87 17.22
C1 BMA J . 11.40 6.47 14.58
C2 BMA J . 10.75 5.29 13.76
C3 BMA J . 11.92 4.51 13.15
C4 BMA J . 12.82 5.42 12.27
C5 BMA J . 13.31 6.69 13.07
C6 BMA J . 14.03 7.73 12.20
O2 BMA J . 9.89 5.72 12.69
O3 BMA J . 11.50 3.24 12.53
O4 BMA J . 13.96 4.69 11.85
O5 BMA J . 12.18 7.35 13.73
O6 BMA J . 13.16 8.87 12.03
C1 MAN J . 11.62 2.27 13.61
C2 MAN J . 12.83 1.35 13.39
C3 MAN J . 12.40 0.12 12.59
C4 MAN J . 11.22 -0.59 13.30
C5 MAN J . 10.04 0.35 13.31
C6 MAN J . 8.86 -0.25 14.06
O2 MAN J . 13.35 0.88 14.66
O3 MAN J . 13.49 -0.78 12.32
O4 MAN J . 10.83 -1.80 12.63
O5 MAN J . 10.41 1.58 13.99
O6 MAN J . 8.56 -1.50 13.44
C1 NAG K . 1.39 12.38 33.67
C2 NAG K . 2.75 11.67 33.83
C3 NAG K . 2.80 10.86 35.13
C4 NAG K . 2.48 11.74 36.33
C5 NAG K . 1.11 12.36 36.15
C6 NAG K . 0.81 13.35 37.25
C7 NAG K . 3.77 11.17 31.65
C8 NAG K . 4.37 12.56 31.71
N2 NAG K . 3.02 10.81 32.70
O3 NAG K . 4.13 10.35 35.24
O4 NAG K . 2.50 11.00 37.54
O5 NAG K . 1.05 13.09 34.92
O6 NAG K . 1.41 14.61 36.98
O7 NAG K . 3.96 10.42 30.71
C1 NAG K . 3.75 11.12 38.29
C2 NAG K . 3.60 10.58 39.72
C3 NAG K . 4.92 10.66 40.45
C4 NAG K . 6.01 9.94 39.67
C5 NAG K . 6.08 10.51 38.26
C6 NAG K . 7.07 9.77 37.40
C7 NAG K . 1.55 10.60 41.09
C8 NAG K . 1.51 9.11 40.88
N2 NAG K . 2.56 11.26 40.47
O3 NAG K . 4.78 10.09 41.75
O4 NAG K . 7.27 10.17 40.30
O5 NAG K . 4.81 10.42 37.61
O6 NAG K . 8.27 10.53 37.27
O7 NAG K . 0.71 11.19 41.74
C1 BMA K . 7.67 9.03 41.10
C2 BMA K . 9.15 9.10 41.19
C3 BMA K . 9.71 8.21 42.32
C4 BMA K . 8.67 7.44 43.22
C5 BMA K . 7.18 7.82 42.99
C6 BMA K . 6.39 7.88 44.31
O2 BMA K . 9.52 10.43 41.51
O3 BMA K . 10.59 8.97 43.19
O4 BMA K . 8.84 6.04 43.08
O5 BMA K . 7.12 9.08 42.35
O6 BMA K . 4.98 8.03 44.05
C1 MAN K . 11.97 8.51 43.11
C2 MAN K . 12.70 9.00 41.83
C3 MAN K . 12.83 7.84 40.87
C4 MAN K . 13.74 6.74 41.49
C5 MAN K . 13.28 6.38 42.93
C6 MAN K . 14.34 6.58 44.04
O2 MAN K . 14.06 9.47 42.11
O3 MAN K . 13.28 8.28 39.59
O4 MAN K . 13.66 5.57 40.70
O5 MAN K . 12.04 7.10 43.30
O6 MAN K . 15.23 7.63 43.68
C1 MAN K . 4.21 6.98 44.69
C2 MAN K . 2.81 6.99 44.08
C3 MAN K . 2.19 8.36 44.34
C4 MAN K . 2.26 8.74 45.87
C5 MAN K . 3.67 8.48 46.47
C6 MAN K . 3.68 8.50 47.97
O2 MAN K . 1.95 6.04 44.72
O3 MAN K . 0.85 8.41 43.84
O4 MAN K . 1.98 10.13 46.04
O5 MAN K . 4.13 7.16 46.07
O6 MAN K . 3.19 7.27 48.41
C1 NAG L . 10.54 -1.02 -43.23
C2 NAG L . 11.24 -0.73 -44.57
C3 NAG L . 11.67 0.75 -44.63
C4 NAG L . 10.47 1.65 -44.37
C5 NAG L . 9.78 1.26 -43.05
C6 NAG L . 8.50 2.04 -42.80
C7 NAG L . 12.68 -2.25 -45.88
C8 NAG L . 13.91 -3.11 -45.87
N2 NAG L . 12.40 -1.60 -44.74
O3 NAG L . 12.23 1.03 -45.91
O4 NAG L . 10.89 3.01 -44.30
O5 NAG L . 9.42 -0.13 -43.09
O6 NAG L . 7.78 1.53 -41.68
O7 NAG L . 11.97 -2.15 -46.88
C1 NAG M . 44.31 -29.98 -15.46
C2 NAG M . 44.90 -28.69 -14.87
C3 NAG M . 46.29 -28.97 -14.26
C4 NAG M . 46.26 -30.15 -13.31
C5 NAG M . 45.64 -31.38 -13.99
C6 NAG M . 45.49 -32.56 -13.05
C7 NAG M . 43.98 -26.83 -16.19
C8 NAG M . 44.27 -25.79 -17.25
N2 NAG M . 44.99 -27.63 -15.87
O3 NAG M . 46.77 -27.81 -13.59
O4 NAG M . 47.57 -30.49 -12.87
O5 NAG M . 44.33 -31.05 -14.45
O6 NAG M . 45.53 -33.80 -13.75
O7 NAG M . 42.87 -26.91 -15.67
C1 NAG N . 3.91 11.68 -28.94
C2 NAG N . 2.38 11.75 -28.71
C3 NAG N . 1.88 13.18 -28.95
C4 NAG N . 2.71 14.19 -28.17
C5 NAG N . 4.20 14.00 -28.45
C6 NAG N . 5.07 14.91 -27.63
C7 NAG N . 0.43 10.42 -29.42
C8 NAG N . -0.10 9.45 -30.42
N2 NAG N . 1.70 10.80 -29.59
O3 NAG N . 0.51 13.28 -28.57
O4 NAG N . 2.31 15.51 -28.51
O5 NAG N . 4.57 12.66 -28.12
O6 NAG N . 6.43 14.83 -28.04
O7 NAG N . -0.26 10.84 -28.49
C1 NAG O . -30.82 11.47 -6.52
C2 NAG O . -29.57 11.81 -7.38
C3 NAG O . -29.84 13.03 -8.27
C4 NAG O . -31.12 12.84 -9.08
C5 NAG O . -32.28 12.57 -8.13
C6 NAG O . -33.59 12.34 -8.85
C7 NAG O . -27.69 11.06 -5.97
C8 NAG O . -26.50 11.51 -5.17
N2 NAG O . -28.40 12.03 -6.56
O3 NAG O . -28.74 13.26 -9.13
O4 NAG O . -31.37 14.01 -9.87
O5 NAG O . -32.00 11.39 -7.36
O6 NAG O . -34.11 13.56 -9.38
O7 NAG O . -28.01 9.89 -6.05
C1 NAG P . -12.88 35.22 -6.08
C2 NAG P . -11.74 36.13 -6.55
C3 NAG P . -11.68 37.39 -5.68
C4 NAG P . -13.04 38.09 -5.66
C5 NAG P . -14.15 37.12 -5.24
C6 NAG P . -15.52 37.73 -5.34
C7 NAG P . -9.82 34.99 -7.60
C8 NAG P . -8.53 34.28 -7.37
N2 NAG P . -10.48 35.42 -6.52
O3 NAG P . -10.68 38.26 -6.19
O4 NAG P . -13.02 39.20 -4.77
O5 NAG P . -14.14 35.97 -6.09
O6 NAG P . -16.45 37.10 -4.47
O7 NAG P . -10.27 35.17 -8.74
#